data_1FCD
#
_entry.id   1FCD
#
_cell.length_a   168.600
_cell.length_b   84.600
_cell.length_c   106.400
_cell.angle_alpha   90.00
_cell.angle_beta   107.00
_cell.angle_gamma   90.00
#
_symmetry.space_group_name_H-M   'C 1 2 1'
#
loop_
_entity.id
_entity.type
_entity.pdbx_description
1 polymer 'FLAVOCYTOCHROME C SULFIDE DEHYDROGENASE (FLAVIN-BINDING SUBUNIT)'
2 polymer 'FLAVOCYTOCHROME C SULFIDE DEHYDROGENASE (CYTOCHROME SUBUNIT)'
3 non-polymer 'FLAVIN-ADENINE DINUCLEOTIDE'
4 non-polymer 'HEME C'
#
loop_
_entity_poly.entity_id
_entity_poly.type
_entity_poly.pdbx_seq_one_letter_code
_entity_poly.pdbx_strand_id
1 'polypeptide(L)'
;AGRKVVVVGGGTGGATAAKYIKLADPSIEVTLIEPNTDYYTCYLSNEVIGGDRKLESIKHGYDGLRAHGIQVVHDSATGI
DPDKKLVKTAGGAEFGYDRCVVAPGIELIYDKIEGYSEEAAAKLPHAWKAGEQTAILRKQLEDMADGGTVVIAPPAAPFR
CPPGPYERASQVAYYLKAHKPMSKVIILDSSQTFSKQSQFSKGWERLYGFGTENAMIEWHPGPDSAVVKVDGGEMMVETA
FGDEFKADVINLIPPQRAGKIAQIAGLTNDAGWCPVDIKTFESSIHKGIHVIGDASIANPMPKSGYSANSQGKVAAAAVV
VLLKGEEPGTPSYLNTCYSILAPAYGISVAAIYRPNADGSAIESVPDSGGVTPVDAPDWVLEREVQYAYSWYNNIVHDTF
G
;
A,B
2 'polypeptide(L)'
;EPTAEMLTNNCAGCHGTHGNSVGPASPSIAQMDPMVFVEVMEGFKSGEIASTIMGRIAKGYSTADFEKMAGYFKQQTYQP
AKQSFDTALADTGAKLHDKYCEKCHVEGGKPLADEEDYHILAGQWTPYLQYAMSDFREERRPMEKKMASKLRELLKAEGD
AGLDALFAFYASQQ
;
C,D
#
loop_
_chem_comp.id
_chem_comp.type
_chem_comp.name
_chem_comp.formula
FAD non-polymer 'FLAVIN-ADENINE DINUCLEOTIDE' 'C27 H33 N9 O15 P2'
HEC non-polymer 'HEME C' 'C34 H34 Fe N4 O4'
#
# COMPACT_ATOMS: atom_id res chain seq x y z
N ALA A 1 44.30 25.06 12.25
CA ALA A 1 45.75 25.20 12.24
C ALA A 1 46.12 24.89 10.78
N GLY A 2 47.38 25.07 10.32
CA GLY A 2 47.79 24.74 8.95
C GLY A 2 47.94 23.22 8.85
N ARG A 3 46.86 22.58 8.42
CA ARG A 3 46.76 21.15 8.29
C ARG A 3 46.44 20.93 6.83
N LYS A 4 46.74 19.75 6.37
CA LYS A 4 46.33 19.38 5.03
C LYS A 4 45.38 18.21 5.29
N VAL A 5 44.23 18.26 4.67
CA VAL A 5 43.36 17.11 4.72
C VAL A 5 43.20 16.92 3.23
N VAL A 6 43.30 15.65 2.88
CA VAL A 6 43.16 15.35 1.49
C VAL A 6 41.88 14.56 1.39
N VAL A 7 41.12 14.98 0.42
CA VAL A 7 39.87 14.35 0.11
C VAL A 7 40.05 13.94 -1.36
N VAL A 8 39.84 12.64 -1.48
CA VAL A 8 39.98 11.89 -2.68
C VAL A 8 38.56 11.81 -3.18
N GLY A 9 38.20 12.51 -4.20
CA GLY A 9 36.89 12.30 -4.75
C GLY A 9 36.11 13.52 -4.45
N GLY A 10 35.48 14.07 -5.46
CA GLY A 10 34.86 15.34 -5.19
C GLY A 10 33.55 15.32 -5.85
N GLY A 11 32.76 14.39 -5.36
CA GLY A 11 31.40 14.22 -5.79
C GLY A 11 30.56 14.31 -4.49
N THR A 12 29.31 14.69 -4.63
CA THR A 12 28.37 14.87 -3.48
C THR A 12 29.07 14.69 -2.10
N GLY A 13 29.43 13.45 -1.80
CA GLY A 13 30.04 13.07 -0.51
C GLY A 13 31.37 13.78 -0.24
N GLY A 14 32.26 13.66 -1.22
CA GLY A 14 33.62 14.24 -1.14
C GLY A 14 33.58 15.76 -1.02
N ALA A 15 32.78 16.35 -1.89
CA ALA A 15 32.63 17.82 -1.96
C ALA A 15 32.04 18.39 -0.67
N THR A 16 31.11 17.65 -0.12
CA THR A 16 30.39 18.04 1.12
C THR A 16 31.36 18.08 2.30
N ALA A 17 32.24 17.10 2.34
CA ALA A 17 33.24 16.96 3.42
C ALA A 17 34.36 17.98 3.26
N ALA A 18 34.58 18.37 2.03
CA ALA A 18 35.65 19.32 1.65
C ALA A 18 35.33 20.74 2.13
N LYS A 19 34.22 21.26 1.61
CA LYS A 19 33.78 22.63 1.90
C LYS A 19 33.43 22.81 3.38
N TYR A 20 32.69 21.86 3.92
CA TYR A 20 32.25 21.93 5.32
C TYR A 20 33.45 21.86 6.29
N ILE A 21 34.56 21.34 5.80
CA ILE A 21 35.78 21.26 6.61
C ILE A 21 36.51 22.61 6.56
N LYS A 22 36.71 23.08 5.34
CA LYS A 22 37.32 24.40 5.12
C LYS A 22 36.47 25.42 5.85
N LEU A 23 35.19 25.26 5.57
CA LEU A 23 34.13 26.09 6.14
C LEU A 23 34.22 26.05 7.68
N ALA A 24 34.37 24.86 8.23
CA ALA A 24 34.38 24.66 9.70
C ALA A 24 35.56 25.35 10.45
N ASP A 25 36.64 25.72 9.76
CA ASP A 25 37.83 26.34 10.44
C ASP A 25 38.90 26.73 9.39
N PRO A 26 38.76 27.86 8.67
CA PRO A 26 39.53 28.14 7.43
C PRO A 26 41.06 28.07 7.45
N SER A 27 41.72 27.62 8.48
CA SER A 27 43.22 27.63 8.45
C SER A 27 43.79 26.33 7.86
N ILE A 28 42.92 25.35 7.72
CA ILE A 28 43.29 24.04 7.18
C ILE A 28 43.24 24.06 5.65
N GLU A 29 44.39 23.82 5.05
CA GLU A 29 44.49 23.75 3.59
C GLU A 29 43.90 22.41 3.17
N VAL A 30 42.84 22.51 2.42
CA VAL A 30 42.11 21.33 1.94
C VAL A 30 42.13 21.30 0.44
N THR A 31 42.82 20.22 0.08
CA THR A 31 43.09 19.80 -1.28
C THR A 31 42.10 18.68 -1.69
N LEU A 32 41.52 18.73 -2.89
CA LEU A 32 40.44 17.85 -3.31
C LEU A 32 40.93 17.42 -4.66
N ILE A 33 41.17 16.10 -4.72
CA ILE A 33 41.71 15.36 -5.85
C ILE A 33 40.55 14.82 -6.68
N GLU A 34 40.30 15.21 -7.91
CA GLU A 34 39.22 14.62 -8.64
C GLU A 34 39.63 14.62 -10.10
N PRO A 35 39.86 13.48 -10.76
CA PRO A 35 39.97 13.34 -12.18
C PRO A 35 39.25 14.32 -13.06
N ASN A 36 38.04 14.76 -12.77
CA ASN A 36 37.46 15.65 -13.73
C ASN A 36 36.71 16.93 -13.39
N THR A 37 36.71 17.66 -14.50
CA THR A 37 36.17 18.97 -14.72
C THR A 37 34.81 19.23 -14.09
N ASP A 38 33.90 18.35 -14.51
CA ASP A 38 32.51 18.50 -14.18
C ASP A 38 31.94 17.28 -13.53
N TYR A 39 31.07 17.61 -12.58
CA TYR A 39 30.25 16.70 -11.85
C TYR A 39 28.89 16.70 -12.50
N TYR A 40 28.58 15.58 -13.15
CA TYR A 40 27.25 15.35 -13.69
C TYR A 40 26.52 14.57 -12.62
N THR A 41 25.37 15.05 -12.20
CA THR A 41 24.68 14.51 -11.06
C THR A 41 24.12 13.07 -10.96
N CYS A 42 23.51 12.43 -11.95
CA CYS A 42 22.81 11.15 -11.76
C CYS A 42 21.61 11.29 -10.81
N TYR A 43 21.55 12.00 -9.66
CA TYR A 43 20.25 12.09 -8.97
C TYR A 43 19.12 12.79 -9.70
N LEU A 44 19.28 13.50 -10.82
CA LEU A 44 18.07 13.83 -11.56
C LEU A 44 18.24 13.60 -13.07
N SER A 45 19.08 12.63 -13.44
CA SER A 45 19.39 12.39 -14.84
C SER A 45 18.31 11.73 -15.62
N ASN A 46 17.51 10.93 -14.91
CA ASN A 46 16.43 10.20 -15.57
C ASN A 46 15.44 11.18 -16.13
N GLU A 47 15.48 12.45 -15.70
CA GLU A 47 14.58 13.44 -16.23
C GLU A 47 15.13 13.90 -17.56
N VAL A 48 16.45 13.84 -17.76
CA VAL A 48 17.09 14.13 -19.05
C VAL A 48 16.64 13.05 -20.01
N ILE A 49 16.76 11.78 -19.59
CA ILE A 49 16.33 10.59 -20.34
C ILE A 49 14.83 10.59 -20.67
N GLY A 50 14.02 11.12 -19.75
CA GLY A 50 12.60 11.31 -19.98
C GLY A 50 12.42 12.45 -20.94
N GLY A 51 13.36 13.38 -21.04
CA GLY A 51 13.26 14.40 -22.06
C GLY A 51 12.90 15.79 -21.57
N ASP A 52 12.54 15.91 -20.30
CA ASP A 52 12.18 17.19 -19.71
C ASP A 52 13.35 18.04 -19.21
N ARG A 53 14.52 17.45 -18.96
CA ARG A 53 15.61 18.15 -18.38
C ARG A 53 16.73 18.13 -19.35
N LYS A 54 17.38 19.24 -19.63
CA LYS A 54 18.51 19.23 -20.52
C LYS A 54 19.70 18.68 -19.75
N LEU A 55 20.68 18.08 -20.42
CA LEU A 55 21.83 17.50 -19.77
C LEU A 55 22.61 18.62 -19.12
N GLU A 56 22.57 19.84 -19.69
CA GLU A 56 23.18 21.04 -19.13
C GLU A 56 22.89 21.24 -17.65
N SER A 57 21.62 21.05 -17.29
CA SER A 57 21.11 21.18 -15.93
C SER A 57 21.80 20.39 -14.80
N ILE A 58 22.57 19.34 -15.11
CA ILE A 58 23.06 18.50 -14.04
C ILE A 58 24.56 18.43 -13.95
N LYS A 59 25.19 19.34 -14.71
CA LYS A 59 26.63 19.50 -14.84
C LYS A 59 27.08 20.48 -13.78
N HIS A 60 28.13 20.38 -12.99
CA HIS A 60 28.38 21.39 -11.98
C HIS A 60 29.88 21.45 -11.72
N GLY A 61 30.36 22.65 -11.53
CA GLY A 61 31.79 22.92 -11.35
C GLY A 61 32.21 22.94 -9.88
N TYR A 62 33.53 23.01 -9.76
CA TYR A 62 34.24 23.04 -8.49
C TYR A 62 34.62 24.47 -8.16
N ASP A 63 34.33 25.35 -9.10
CA ASP A 63 34.63 26.77 -8.95
C ASP A 63 34.06 27.29 -7.61
N GLY A 64 32.90 26.79 -7.26
CA GLY A 64 32.20 27.17 -6.02
C GLY A 64 33.11 26.97 -4.78
N LEU A 65 33.34 25.71 -4.42
CA LEU A 65 34.16 25.43 -3.22
C LEU A 65 35.64 25.77 -3.44
N ARG A 66 36.05 25.82 -4.69
CA ARG A 66 37.45 26.19 -4.95
C ARG A 66 37.66 27.61 -4.46
N ALA A 67 36.85 28.48 -5.01
CA ALA A 67 36.89 29.91 -4.69
C ALA A 67 36.37 30.16 -3.27
N HIS A 68 36.46 29.10 -2.50
CA HIS A 68 35.96 29.02 -1.12
C HIS A 68 37.10 28.55 -0.18
N GLY A 69 38.28 28.38 -0.79
CA GLY A 69 39.52 27.99 -0.07
C GLY A 69 39.85 26.48 -0.14
N ILE A 70 39.53 25.86 -1.27
CA ILE A 70 39.81 24.42 -1.51
C ILE A 70 40.55 24.31 -2.81
N GLN A 71 41.66 23.58 -2.74
CA GLN A 71 42.52 23.44 -3.90
C GLN A 71 42.08 22.20 -4.66
N VAL A 72 41.56 22.42 -5.84
CA VAL A 72 40.97 21.35 -6.62
C VAL A 72 41.97 20.88 -7.69
N VAL A 73 42.79 19.91 -7.32
CA VAL A 73 43.79 19.38 -8.23
C VAL A 73 43.16 18.19 -8.99
N HIS A 74 42.92 18.47 -10.26
CA HIS A 74 42.33 17.50 -11.15
C HIS A 74 43.32 16.42 -11.56
N ASP A 75 43.21 15.26 -10.91
CA ASP A 75 44.09 14.14 -11.11
C ASP A 75 43.49 12.91 -10.47
N SER A 76 43.69 11.70 -11.02
CA SER A 76 43.20 10.49 -10.35
C SER A 76 44.12 10.00 -9.28
N ALA A 77 43.69 9.68 -8.07
CA ALA A 77 44.54 9.05 -7.05
C ALA A 77 44.96 7.69 -7.58
N THR A 78 46.17 7.29 -7.25
CA THR A 78 46.69 6.07 -7.73
C THR A 78 47.05 5.04 -6.64
N GLY A 79 47.44 5.56 -5.50
CA GLY A 79 47.82 4.74 -4.32
C GLY A 79 47.52 5.59 -3.10
N ILE A 80 47.86 5.11 -1.91
CA ILE A 80 47.47 5.87 -0.72
C ILE A 80 48.19 5.44 0.55
N ASP A 81 48.71 4.26 0.46
CA ASP A 81 49.26 3.56 1.61
C ASP A 81 49.74 4.52 2.70
N PRO A 82 49.10 4.29 3.87
CA PRO A 82 49.23 5.07 5.10
C PRO A 82 50.64 5.17 5.66
N ASP A 83 50.82 4.53 6.83
CA ASP A 83 52.07 4.57 7.63
C ASP A 83 52.64 5.99 7.53
N LYS A 84 53.42 6.24 6.50
CA LYS A 84 53.90 7.60 6.25
C LYS A 84 52.83 8.27 5.39
N LYS A 85 51.87 8.83 6.12
CA LYS A 85 50.63 9.49 5.60
C LYS A 85 50.80 10.22 4.26
N LEU A 86 50.89 9.47 3.17
CA LEU A 86 51.04 10.08 1.81
C LEU A 86 49.85 9.74 0.96
N VAL A 87 49.60 10.37 -0.20
CA VAL A 87 48.54 10.02 -1.15
C VAL A 87 49.20 10.21 -2.49
N LYS A 88 49.15 9.34 -3.49
CA LYS A 88 49.91 9.56 -4.71
C LYS A 88 48.93 9.65 -5.82
N THR A 89 49.16 10.24 -6.95
CA THR A 89 48.05 10.34 -7.89
C THR A 89 48.62 9.98 -9.24
N ALA A 90 47.93 9.47 -10.22
CA ALA A 90 48.42 9.16 -11.54
C ALA A 90 49.43 10.04 -12.28
N GLY A 91 49.97 11.13 -11.71
CA GLY A 91 50.90 11.98 -12.41
C GLY A 91 52.06 12.38 -11.56
N GLY A 92 52.35 11.83 -10.40
CA GLY A 92 53.60 12.15 -9.72
C GLY A 92 53.53 12.94 -8.42
N ALA A 93 52.31 13.30 -8.07
CA ALA A 93 52.12 14.11 -6.92
C ALA A 93 51.79 13.17 -5.79
N GLU A 94 52.36 13.53 -4.66
CA GLU A 94 52.09 12.90 -3.39
C GLU A 94 51.72 14.05 -2.46
N PHE A 95 50.59 13.96 -1.80
CA PHE A 95 50.19 14.97 -0.88
C PHE A 95 50.18 14.25 0.42
N GLY A 96 50.69 14.97 1.40
CA GLY A 96 50.72 14.52 2.78
C GLY A 96 49.41 14.94 3.42
N TYR A 97 48.89 14.16 4.34
CA TYR A 97 47.59 14.47 4.84
C TYR A 97 47.78 14.25 6.30
N ASP A 98 46.97 14.96 7.05
CA ASP A 98 46.94 14.72 8.45
C ASP A 98 45.83 13.70 8.61
N ARG A 99 44.77 13.87 7.79
CA ARG A 99 43.64 12.95 7.72
C ARG A 99 43.18 13.01 6.25
N CYS A 100 42.56 11.92 5.78
CA CYS A 100 42.14 11.78 4.39
C CYS A 100 40.69 11.32 4.35
N VAL A 101 39.93 11.81 3.38
CA VAL A 101 38.54 11.42 3.24
C VAL A 101 38.54 10.87 1.84
N VAL A 102 38.24 9.58 1.77
CA VAL A 102 38.15 8.82 0.55
C VAL A 102 36.66 8.75 0.24
N ALA A 103 36.23 9.26 -0.90
CA ALA A 103 34.86 9.18 -1.31
C ALA A 103 34.78 8.86 -2.80
N PRO A 104 35.04 7.59 -3.25
CA PRO A 104 35.23 7.22 -4.66
C PRO A 104 33.99 6.88 -5.42
N GLY A 105 32.90 6.52 -4.74
CA GLY A 105 31.67 6.10 -5.44
C GLY A 105 31.55 4.57 -5.54
N ILE A 106 30.95 4.11 -6.64
CA ILE A 106 30.73 2.71 -6.96
C ILE A 106 31.65 2.28 -8.09
N GLU A 107 32.41 1.19 -7.97
CA GLU A 107 33.04 0.56 -9.13
C GLU A 107 31.92 -0.28 -9.77
N LEU A 108 31.54 -0.28 -11.05
CA LEU A 108 30.51 -1.18 -11.58
C LEU A 108 31.21 -2.45 -12.00
N ILE A 109 30.67 -3.63 -11.81
CA ILE A 109 31.35 -4.87 -12.11
C ILE A 109 30.71 -5.50 -13.32
N TYR A 110 31.32 -5.19 -14.42
CA TYR A 110 30.85 -5.63 -15.72
C TYR A 110 30.84 -7.15 -15.86
N ASP A 111 31.92 -7.78 -15.38
CA ASP A 111 32.16 -9.22 -15.46
C ASP A 111 30.94 -10.06 -15.19
N LYS A 112 30.32 -9.74 -14.07
CA LYS A 112 29.18 -10.40 -13.55
C LYS A 112 28.08 -10.60 -14.56
N ILE A 113 28.10 -9.92 -15.70
CA ILE A 113 27.11 -10.24 -16.68
C ILE A 113 27.87 -10.44 -17.97
N GLU A 114 28.35 -11.69 -18.13
CA GLU A 114 29.06 -12.22 -19.30
C GLU A 114 28.43 -11.72 -20.56
N GLY A 115 29.20 -10.98 -21.34
CA GLY A 115 28.68 -10.35 -22.53
C GLY A 115 29.07 -8.89 -22.42
N TYR A 116 28.83 -8.27 -21.24
CA TYR A 116 29.15 -6.87 -20.90
C TYR A 116 30.60 -6.60 -20.58
N SER A 117 31.05 -5.44 -21.00
CA SER A 117 32.43 -4.99 -20.78
C SER A 117 32.39 -3.48 -20.57
N GLU A 118 33.56 -3.00 -20.22
CA GLU A 118 33.82 -1.59 -20.11
C GLU A 118 33.49 -0.93 -21.45
N GLU A 119 33.83 -1.65 -22.54
CA GLU A 119 33.60 -1.17 -23.91
C GLU A 119 32.22 -1.53 -24.43
N ALA A 120 31.45 -2.36 -23.70
CA ALA A 120 30.09 -2.65 -24.10
C ALA A 120 29.21 -1.51 -23.61
N ALA A 121 29.65 -0.85 -22.52
CA ALA A 121 29.03 0.31 -21.90
C ALA A 121 28.57 1.34 -22.90
N ALA A 122 29.36 1.58 -23.95
CA ALA A 122 29.07 2.56 -24.99
C ALA A 122 27.91 2.29 -25.92
N LYS A 123 27.43 1.06 -25.93
CA LYS A 123 26.37 0.61 -26.82
C LYS A 123 25.14 0.10 -26.06
N LEU A 124 25.42 -0.51 -24.91
CA LEU A 124 24.39 -1.01 -24.02
C LEU A 124 24.78 -0.29 -22.75
N PRO A 125 24.20 0.87 -22.38
CA PRO A 125 24.68 1.66 -21.26
C PRO A 125 24.07 1.53 -19.88
N HIS A 126 24.86 1.46 -18.81
CA HIS A 126 24.41 1.58 -17.41
C HIS A 126 24.54 3.07 -17.12
N ALA A 127 23.52 3.93 -17.18
CA ALA A 127 23.78 5.33 -16.87
C ALA A 127 23.64 5.43 -15.34
N TRP A 128 24.60 4.86 -14.63
CA TRP A 128 24.57 4.81 -13.16
C TRP A 128 25.76 5.63 -12.70
N LYS A 129 26.44 6.23 -13.64
CA LYS A 129 27.29 7.34 -13.36
C LYS A 129 26.79 8.25 -14.46
N ALA A 130 26.78 9.59 -14.41
CA ALA A 130 26.14 10.33 -15.48
C ALA A 130 27.15 11.17 -16.23
N GLY A 131 26.57 11.77 -17.26
CA GLY A 131 27.32 12.58 -18.13
C GLY A 131 26.91 12.11 -19.47
N GLU A 132 27.99 11.61 -20.06
CA GLU A 132 28.12 11.00 -21.39
C GLU A 132 27.20 9.82 -21.57
N GLN A 133 27.24 9.02 -20.51
CA GLN A 133 26.44 7.83 -20.43
C GLN A 133 24.96 8.16 -20.53
N THR A 134 24.49 9.24 -19.91
CA THR A 134 23.08 9.60 -19.94
C THR A 134 22.68 10.03 -21.32
N ALA A 135 23.63 10.62 -22.00
CA ALA A 135 23.39 11.10 -23.33
C ALA A 135 23.21 9.91 -24.26
N ILE A 136 24.08 8.87 -24.16
CA ILE A 136 23.99 7.65 -25.01
C ILE A 136 22.56 7.11 -24.92
N LEU A 137 22.12 6.72 -23.72
CA LEU A 137 20.77 6.23 -23.51
C LEU A 137 19.72 7.15 -24.06
N ARG A 138 19.89 8.49 -24.00
CA ARG A 138 18.87 9.43 -24.51
C ARG A 138 18.85 9.35 -26.04
N LYS A 139 20.02 9.26 -26.65
CA LYS A 139 20.12 9.12 -28.10
C LYS A 139 19.39 7.84 -28.51
N GLN A 140 19.65 6.74 -27.80
CA GLN A 140 19.02 5.48 -28.12
C GLN A 140 17.51 5.56 -28.00
N LEU A 141 16.95 6.20 -26.97
CA LEU A 141 15.50 6.39 -26.89
C LEU A 141 14.99 7.34 -27.95
N GLU A 142 15.78 8.28 -28.42
CA GLU A 142 15.32 9.16 -29.47
C GLU A 142 15.37 8.44 -30.83
N ASP A 143 16.32 7.50 -30.91
CA ASP A 143 16.57 6.69 -32.07
C ASP A 143 15.70 5.47 -32.19
N MET A 144 15.07 5.00 -31.11
CA MET A 144 14.21 3.84 -31.16
C MET A 144 13.03 4.07 -32.10
N ALA A 145 12.73 2.92 -32.69
CA ALA A 145 11.63 2.77 -33.61
C ALA A 145 10.40 2.71 -32.74
N ASP A 146 9.31 3.35 -33.16
CA ASP A 146 8.07 3.34 -32.41
C ASP A 146 7.60 1.91 -32.40
N GLY A 147 7.55 1.26 -31.26
CA GLY A 147 7.24 -0.15 -31.20
C GLY A 147 8.42 -0.87 -30.56
N GLY A 148 9.49 -0.15 -30.40
CA GLY A 148 10.76 -0.70 -30.03
C GLY A 148 11.03 -1.34 -28.70
N THR A 149 10.28 -1.57 -27.64
CA THR A 149 10.84 -2.24 -26.43
C THR A 149 12.17 -1.81 -25.81
N VAL A 150 12.14 -1.41 -24.52
CA VAL A 150 13.38 -1.00 -23.85
C VAL A 150 13.49 -1.94 -22.68
N VAL A 151 14.63 -2.54 -22.34
CA VAL A 151 14.64 -3.32 -21.14
C VAL A 151 15.58 -2.64 -20.18
N ILE A 152 15.43 -2.78 -18.87
CA ILE A 152 16.26 -2.13 -17.89
C ILE A 152 16.69 -3.25 -16.96
N ALA A 153 17.94 -3.55 -16.62
CA ALA A 153 18.20 -4.68 -15.73
C ALA A 153 18.90 -4.35 -14.42
N PRO A 154 18.11 -4.14 -13.37
CA PRO A 154 18.58 -3.91 -12.03
C PRO A 154 19.54 -4.97 -11.62
N PRO A 155 20.67 -4.74 -10.96
CA PRO A 155 21.34 -5.74 -10.18
C PRO A 155 20.47 -6.00 -8.97
N ALA A 156 21.05 -6.53 -7.90
CA ALA A 156 20.32 -6.71 -6.67
C ALA A 156 21.36 -6.50 -5.57
N ALA A 157 21.08 -6.98 -4.36
CA ALA A 157 22.03 -6.98 -3.26
C ALA A 157 22.12 -5.52 -2.85
N PRO A 158 23.21 -4.87 -2.40
CA PRO A 158 23.32 -3.41 -2.29
C PRO A 158 23.61 -2.60 -3.54
N PHE A 159 22.77 -1.72 -4.08
CA PHE A 159 23.22 -0.89 -5.18
C PHE A 159 22.95 0.59 -4.92
N ARG A 160 23.21 1.54 -5.82
CA ARG A 160 23.03 2.98 -5.55
C ARG A 160 21.67 3.47 -6.02
N CYS A 161 21.04 4.17 -5.04
CA CYS A 161 19.65 4.64 -4.96
C CYS A 161 18.71 3.64 -5.62
N PRO A 162 18.28 2.67 -4.79
CA PRO A 162 17.29 1.68 -5.10
C PRO A 162 16.09 2.08 -5.92
N PRO A 163 15.29 3.11 -5.77
CA PRO A 163 14.20 3.38 -6.68
C PRO A 163 14.66 3.76 -8.06
N GLY A 164 15.98 3.97 -8.24
CA GLY A 164 16.63 4.44 -9.47
C GLY A 164 16.12 3.73 -10.72
N PRO A 165 16.18 2.39 -10.81
CA PRO A 165 15.72 1.61 -11.94
C PRO A 165 14.28 1.84 -12.28
N TYR A 166 13.47 2.02 -11.24
CA TYR A 166 12.02 2.11 -11.41
C TYR A 166 11.61 3.52 -11.71
N GLU A 167 12.36 4.52 -11.25
CA GLU A 167 12.06 5.90 -11.66
C GLU A 167 12.51 6.02 -13.09
N ARG A 168 13.62 5.41 -13.47
CA ARG A 168 14.03 5.34 -14.87
C ARG A 168 12.95 4.68 -15.69
N ALA A 169 12.39 3.57 -15.26
CA ALA A 169 11.33 2.96 -16.04
C ALA A 169 10.16 3.91 -16.15
N SER A 170 9.79 4.63 -15.10
CA SER A 170 8.71 5.62 -15.21
C SER A 170 9.04 6.77 -16.17
N GLN A 171 10.24 7.31 -16.06
CA GLN A 171 10.65 8.44 -16.92
C GLN A 171 10.67 8.02 -18.40
N VAL A 172 11.21 6.84 -18.64
CA VAL A 172 11.32 6.28 -20.00
C VAL A 172 9.92 6.07 -20.59
N ALA A 173 9.07 5.48 -19.77
CA ALA A 173 7.68 5.20 -20.15
C ALA A 173 6.95 6.51 -20.45
N TYR A 174 7.35 7.53 -19.70
CA TYR A 174 6.79 8.87 -19.82
C TYR A 174 7.09 9.45 -21.21
N TYR A 175 8.27 9.12 -21.69
CA TYR A 175 8.76 9.58 -22.99
C TYR A 175 8.14 8.75 -24.13
N LEU A 176 8.38 7.46 -24.04
CA LEU A 176 7.93 6.47 -25.04
C LEU A 176 6.54 6.83 -25.59
N LYS A 177 5.75 7.47 -24.77
CA LYS A 177 4.39 7.89 -25.16
C LYS A 177 4.49 8.83 -26.36
N ALA A 178 5.70 9.28 -26.58
CA ALA A 178 6.04 10.15 -27.71
C ALA A 178 6.01 9.33 -28.99
N HIS A 179 6.03 8.04 -28.76
CA HIS A 179 6.08 7.04 -29.84
C HIS A 179 4.86 6.10 -29.84
N LYS A 180 3.89 6.69 -29.29
CA LYS A 180 2.55 6.26 -29.38
C LYS A 180 2.01 5.35 -28.38
N PRO A 181 0.83 5.31 -27.69
CA PRO A 181 0.81 4.28 -26.68
C PRO A 181 1.31 3.07 -27.42
N MET A 182 2.35 3.28 -28.28
CA MET A 182 2.95 2.14 -29.01
C MET A 182 4.46 2.01 -28.76
N SER A 183 4.76 1.28 -27.70
CA SER A 183 6.12 0.98 -27.23
C SER A 183 6.01 0.16 -25.95
N LYS A 184 7.15 -0.08 -25.30
CA LYS A 184 7.13 -0.88 -24.06
C LYS A 184 8.48 -0.88 -23.34
N VAL A 185 8.34 -0.73 -22.04
CA VAL A 185 9.45 -0.82 -21.07
C VAL A 185 9.30 -2.18 -20.40
N ILE A 186 10.36 -2.95 -20.33
CA ILE A 186 10.34 -4.30 -19.78
C ILE A 186 11.45 -4.24 -18.76
N ILE A 187 11.24 -4.63 -17.51
CA ILE A 187 12.24 -4.52 -16.46
C ILE A 187 12.48 -6.00 -16.15
N LEU A 188 13.71 -6.50 -16.19
CA LEU A 188 13.98 -7.89 -15.94
C LEU A 188 14.78 -7.77 -14.65
N ASP A 189 14.25 -8.10 -13.49
CA ASP A 189 14.83 -7.77 -12.21
C ASP A 189 15.48 -8.93 -11.46
N SER A 190 16.30 -8.64 -10.45
CA SER A 190 16.97 -9.65 -9.67
C SER A 190 16.39 -9.88 -8.27
N SER A 191 15.16 -9.37 -8.03
CA SER A 191 14.58 -9.35 -6.70
C SER A 191 13.07 -9.57 -6.72
N GLN A 192 12.52 -10.15 -5.63
CA GLN A 192 11.09 -10.45 -5.56
C GLN A 192 10.23 -9.21 -5.39
N THR A 193 10.66 -8.36 -4.46
CA THR A 193 10.00 -7.10 -4.16
C THR A 193 10.95 -5.95 -4.48
N PHE A 194 10.58 -4.67 -4.34
CA PHE A 194 11.50 -3.57 -4.57
C PHE A 194 11.14 -2.24 -3.87
N SER A 195 12.02 -1.21 -3.82
CA SER A 195 11.73 0.05 -3.13
C SER A 195 10.64 0.92 -3.72
N LYS A 196 9.70 1.26 -2.80
CA LYS A 196 8.47 2.01 -3.05
C LYS A 196 7.59 1.34 -4.12
N GLN A 197 7.63 0.00 -4.05
CA GLN A 197 6.94 -0.89 -4.95
C GLN A 197 5.46 -0.59 -5.13
N SER A 198 4.64 -0.62 -4.09
CA SER A 198 3.21 -0.39 -4.20
C SER A 198 2.84 0.98 -4.73
N GLN A 199 3.69 1.98 -4.48
CA GLN A 199 3.46 3.34 -4.90
C GLN A 199 3.83 3.41 -6.35
N PHE A 200 4.91 2.71 -6.70
CA PHE A 200 5.37 2.58 -8.09
C PHE A 200 4.29 1.88 -8.88
N SER A 201 3.84 0.70 -8.48
CA SER A 201 2.75 0.02 -9.14
C SER A 201 1.46 0.83 -9.23
N LYS A 202 1.05 1.53 -8.17
CA LYS A 202 -0.17 2.32 -8.24
C LYS A 202 -0.05 3.43 -9.30
N GLY A 203 1.18 3.93 -9.40
CA GLY A 203 1.51 5.01 -10.30
C GLY A 203 1.42 4.61 -11.73
N TRP A 204 2.02 3.46 -11.92
CA TRP A 204 2.07 2.83 -13.23
C TRP A 204 0.68 2.44 -13.70
N GLU A 205 -0.12 1.90 -12.82
CA GLU A 205 -1.48 1.61 -13.16
C GLU A 205 -2.18 2.81 -13.64
N ARG A 206 -2.05 3.86 -12.82
CA ARG A 206 -2.70 5.13 -13.08
C ARG A 206 -2.26 5.78 -14.39
N LEU A 207 -0.97 5.85 -14.67
CA LEU A 207 -0.42 6.52 -15.86
C LEU A 207 -0.11 5.78 -17.16
N TYR A 208 0.63 4.69 -17.04
CA TYR A 208 1.14 4.01 -18.20
C TYR A 208 0.45 2.67 -18.48
N GLY A 209 -0.68 2.38 -17.82
CA GLY A 209 -1.30 1.07 -17.94
C GLY A 209 -0.42 0.13 -17.14
N PHE A 210 -1.02 -0.90 -16.57
CA PHE A 210 -0.17 -1.82 -15.85
C PHE A 210 -0.96 -3.06 -15.59
N GLY A 211 -2.06 -3.10 -14.85
CA GLY A 211 -2.82 -4.35 -14.81
C GLY A 211 -3.34 -4.69 -16.23
N THR A 212 -3.58 -3.66 -17.03
CA THR A 212 -4.17 -3.70 -18.33
C THR A 212 -3.57 -4.53 -19.41
N GLU A 213 -2.31 -4.91 -19.27
CA GLU A 213 -1.50 -5.48 -20.36
C GLU A 213 -1.89 -5.33 -21.84
N ASN A 214 -2.13 -4.03 -21.92
CA ASN A 214 -2.31 -3.14 -23.05
C ASN A 214 -1.73 -1.97 -22.22
N ALA A 215 -0.49 -2.24 -21.78
CA ALA A 215 0.20 -1.53 -20.75
C ALA A 215 1.61 -1.35 -21.25
N MET A 216 2.20 -0.26 -20.80
CA MET A 216 3.48 0.15 -21.30
C MET A 216 4.66 -0.22 -20.46
N ILE A 217 4.49 -0.80 -19.28
CA ILE A 217 5.61 -1.18 -18.42
C ILE A 217 5.30 -2.63 -18.05
N GLU A 218 6.32 -3.47 -17.97
CA GLU A 218 6.11 -4.84 -17.53
C GLU A 218 7.18 -5.12 -16.54
N TRP A 219 6.83 -5.74 -15.43
CA TRP A 219 7.79 -5.97 -14.40
C TRP A 219 7.91 -7.46 -14.29
N HIS A 220 9.15 -7.95 -14.38
CA HIS A 220 9.40 -9.37 -14.29
C HIS A 220 10.38 -9.54 -13.16
N PRO A 221 9.90 -10.15 -12.09
CA PRO A 221 10.57 -10.52 -10.85
C PRO A 221 11.99 -11.05 -10.83
N GLY A 222 12.48 -11.67 -9.77
CA GLY A 222 13.84 -12.21 -9.74
C GLY A 222 13.93 -13.23 -8.60
N PRO A 223 14.97 -14.01 -8.33
CA PRO A 223 16.17 -14.18 -9.13
C PRO A 223 16.02 -14.67 -10.56
N ASP A 224 14.98 -15.43 -10.88
CA ASP A 224 14.79 -15.98 -12.23
C ASP A 224 15.16 -15.06 -13.40
N SER A 225 14.50 -13.94 -13.38
CA SER A 225 14.58 -13.01 -14.44
C SER A 225 15.85 -12.13 -14.33
N ALA A 226 16.73 -12.35 -13.34
CA ALA A 226 17.94 -11.58 -13.22
C ALA A 226 18.71 -11.79 -14.53
N VAL A 227 18.87 -10.77 -15.35
CA VAL A 227 19.65 -10.78 -16.58
C VAL A 227 21.06 -11.08 -16.22
N VAL A 228 21.41 -12.33 -16.42
CA VAL A 228 22.77 -12.77 -16.17
C VAL A 228 23.45 -13.03 -17.49
N LYS A 229 24.71 -13.00 -17.14
CA LYS A 229 25.80 -13.45 -17.90
C LYS A 229 25.54 -13.84 -19.37
N VAL A 230 24.90 -12.89 -20.03
CA VAL A 230 24.68 -12.93 -21.41
C VAL A 230 23.62 -11.88 -21.61
N ASP A 231 24.32 -11.21 -22.51
CA ASP A 231 23.75 -10.28 -23.46
C ASP A 231 24.76 -10.27 -24.66
N GLY A 232 24.30 -9.88 -25.85
CA GLY A 232 25.25 -9.62 -26.92
C GLY A 232 24.62 -8.64 -27.91
N GLY A 233 25.44 -7.84 -28.67
CA GLY A 233 25.05 -6.99 -29.85
C GLY A 233 24.39 -7.76 -31.06
N GLU A 234 23.84 -8.91 -30.68
CA GLU A 234 22.77 -9.58 -31.40
C GLU A 234 21.51 -8.88 -30.80
N MET A 235 21.62 -8.02 -29.76
CA MET A 235 20.59 -7.28 -29.04
C MET A 235 19.62 -8.12 -28.26
N MET A 236 20.26 -9.07 -27.58
CA MET A 236 19.50 -10.03 -26.80
C MET A 236 20.19 -10.04 -25.47
N VAL A 237 19.37 -10.31 -24.46
CA VAL A 237 19.82 -10.55 -23.11
C VAL A 237 19.19 -11.90 -22.81
N GLU A 238 19.74 -12.60 -21.84
CA GLU A 238 19.24 -13.89 -21.42
C GLU A 238 19.25 -13.91 -19.90
N THR A 239 18.08 -14.12 -19.30
CA THR A 239 17.96 -14.07 -17.84
C THR A 239 18.55 -15.34 -17.20
N ALA A 240 18.51 -15.52 -15.89
CA ALA A 240 19.07 -16.73 -15.29
C ALA A 240 18.19 -17.96 -15.47
N PHE A 241 17.00 -17.77 -16.06
CA PHE A 241 16.11 -18.87 -16.38
C PHE A 241 16.13 -19.03 -17.90
N GLY A 242 17.11 -18.47 -18.60
CA GLY A 242 17.31 -18.73 -20.02
C GLY A 242 16.26 -18.20 -20.96
N ASP A 243 15.52 -17.16 -20.65
CA ASP A 243 14.61 -16.64 -21.68
C ASP A 243 15.37 -15.65 -22.53
N GLU A 244 14.98 -15.41 -23.76
CA GLU A 244 15.72 -14.47 -24.56
C GLU A 244 14.79 -13.33 -24.85
N PHE A 245 15.33 -12.17 -24.49
CA PHE A 245 14.63 -10.92 -24.68
C PHE A 245 15.49 -10.13 -25.62
N LYS A 246 14.83 -9.84 -26.72
CA LYS A 246 15.39 -9.09 -27.81
C LYS A 246 14.76 -7.73 -27.59
N ALA A 247 15.58 -6.70 -27.56
CA ALA A 247 15.03 -5.37 -27.39
C ALA A 247 15.98 -4.45 -28.08
N ASP A 248 15.38 -3.38 -28.55
CA ASP A 248 16.08 -2.31 -29.26
C ASP A 248 17.03 -1.45 -28.38
N VAL A 249 16.68 -1.18 -27.11
CA VAL A 249 17.54 -0.38 -26.23
C VAL A 249 17.65 -1.22 -25.01
N ILE A 250 18.81 -1.67 -24.53
CA ILE A 250 18.77 -2.39 -23.27
C ILE A 250 19.62 -1.57 -22.35
N ASN A 251 19.29 -1.49 -21.07
CA ASN A 251 20.13 -0.71 -20.18
C ASN A 251 20.40 -1.72 -19.11
N LEU A 252 21.64 -2.10 -19.07
CA LEU A 252 22.07 -3.12 -18.18
C LEU A 252 22.56 -2.35 -16.97
N ILE A 253 22.18 -2.61 -15.72
CA ILE A 253 22.77 -1.85 -14.65
C ILE A 253 23.54 -2.93 -13.93
N PRO A 254 24.87 -3.02 -14.05
CA PRO A 254 25.72 -4.05 -13.45
C PRO A 254 25.90 -3.99 -11.96
N PRO A 255 26.27 -5.06 -11.25
CA PRO A 255 26.53 -5.05 -9.80
C PRO A 255 27.57 -3.99 -9.49
N GLN A 256 27.64 -3.43 -8.27
CA GLN A 256 28.51 -2.30 -7.96
C GLN A 256 29.31 -2.69 -6.73
N ARG A 257 30.40 -1.98 -6.39
CA ARG A 257 31.11 -2.10 -5.10
C ARG A 257 31.88 -0.81 -4.77
N ALA A 258 32.71 -0.66 -3.71
CA ALA A 258 33.44 0.58 -3.43
C ALA A 258 34.29 0.93 -4.64
N GLY A 259 34.54 2.19 -4.96
CA GLY A 259 35.37 2.53 -6.09
C GLY A 259 36.73 1.90 -5.90
N LYS A 260 37.34 1.60 -7.03
CA LYS A 260 38.67 1.00 -7.18
C LYS A 260 39.75 1.42 -6.17
N ILE A 261 39.86 2.71 -5.87
CA ILE A 261 40.92 3.29 -5.02
C ILE A 261 40.68 2.85 -3.59
N ALA A 262 39.42 2.55 -3.24
CA ALA A 262 39.14 2.05 -1.94
C ALA A 262 39.70 0.63 -1.81
N GLN A 263 39.78 -0.11 -2.91
CA GLN A 263 40.33 -1.48 -2.97
C GLN A 263 41.83 -1.40 -3.00
N ILE A 264 42.43 -0.52 -3.79
CA ILE A 264 43.89 -0.40 -3.81
C ILE A 264 44.45 -0.07 -2.45
N ALA A 265 43.73 0.82 -1.78
CA ALA A 265 44.17 1.34 -0.49
C ALA A 265 44.12 0.44 0.70
N GLY A 266 43.19 -0.48 0.53
CA GLY A 266 42.93 -1.52 1.52
C GLY A 266 41.68 -1.28 2.33
N LEU A 267 40.79 -0.42 1.86
CA LEU A 267 39.69 -0.06 2.72
C LEU A 267 38.46 -0.95 2.69
N THR A 268 38.35 -1.80 1.65
CA THR A 268 37.20 -2.66 1.50
C THR A 268 37.41 -3.89 2.35
N ASN A 269 36.31 -4.58 2.63
CA ASN A 269 36.37 -5.85 3.35
C ASN A 269 35.81 -6.91 2.41
N ASP A 270 35.59 -8.09 3.01
CA ASP A 270 34.93 -9.26 2.41
C ASP A 270 33.88 -8.92 1.38
N ALA A 271 33.01 -7.95 1.64
CA ALA A 271 31.95 -7.59 0.71
C ALA A 271 32.34 -6.64 -0.40
N GLY A 272 33.46 -5.96 -0.21
CA GLY A 272 33.96 -5.01 -1.21
C GLY A 272 33.37 -3.61 -1.08
N TRP A 273 33.13 -3.29 0.18
CA TRP A 273 32.63 -2.03 0.62
C TRP A 273 33.50 -1.73 1.83
N CYS A 274 33.65 -0.47 2.22
CA CYS A 274 34.57 -0.12 3.30
C CYS A 274 33.85 -0.01 4.63
N PRO A 275 34.25 -0.83 5.59
CA PRO A 275 33.97 -0.63 7.02
C PRO A 275 34.46 0.66 7.71
N VAL A 276 33.47 1.43 8.14
CA VAL A 276 33.65 2.68 8.87
C VAL A 276 33.03 2.55 10.27
N ASP A 277 33.54 3.46 11.09
CA ASP A 277 33.07 3.69 12.45
C ASP A 277 31.92 4.67 12.25
N ILE A 278 30.82 4.36 12.91
CA ILE A 278 29.60 5.13 12.75
C ILE A 278 29.55 6.53 13.33
N LYS A 279 30.33 6.79 14.39
CA LYS A 279 30.36 8.10 14.95
C LYS A 279 31.22 8.89 13.99
N THR A 280 32.56 8.82 14.06
CA THR A 280 33.39 9.45 13.04
C THR A 280 33.46 8.45 11.91
N PHE A 281 33.35 8.83 10.64
CA PHE A 281 33.45 7.82 9.60
C PHE A 281 34.87 7.32 9.31
N GLU A 282 35.75 7.11 10.32
CA GLU A 282 37.12 6.62 10.17
C GLU A 282 37.05 5.15 9.82
N SER A 283 37.98 4.63 8.99
CA SER A 283 37.97 3.24 8.63
C SER A 283 38.41 2.35 9.76
N SER A 284 37.64 1.29 9.95
CA SER A 284 37.95 0.27 10.92
C SER A 284 39.16 -0.54 10.48
N ILE A 285 39.63 -0.37 9.24
CA ILE A 285 40.82 -1.06 8.80
C ILE A 285 41.99 -0.07 9.04
N HIS A 286 42.19 0.99 8.25
CA HIS A 286 43.34 1.87 8.41
C HIS A 286 42.99 3.21 9.03
N LYS A 287 43.64 3.59 10.11
CA LYS A 287 43.32 4.84 10.79
C LYS A 287 43.83 6.06 10.05
N GLY A 288 43.11 7.18 10.18
CA GLY A 288 43.45 8.43 9.55
C GLY A 288 42.67 8.58 8.25
N ILE A 289 42.00 7.53 7.74
CA ILE A 289 41.21 7.68 6.53
C ILE A 289 39.79 7.53 6.98
N HIS A 290 38.92 8.36 6.40
CA HIS A 290 37.50 8.44 6.66
C HIS A 290 36.85 8.14 5.29
N VAL A 291 35.99 7.15 5.19
CA VAL A 291 35.35 6.85 3.88
C VAL A 291 33.86 7.16 3.97
N ILE A 292 33.33 7.87 2.97
CA ILE A 292 31.91 8.25 3.04
C ILE A 292 31.03 7.74 1.86
N GLY A 293 29.83 7.50 2.40
CA GLY A 293 28.50 6.99 1.88
C GLY A 293 28.27 6.66 0.40
N ASP A 294 28.63 5.45 0.12
CA ASP A 294 28.50 4.70 -1.13
C ASP A 294 29.51 3.60 -0.95
N ALA A 295 30.73 4.07 -0.85
CA ALA A 295 31.89 3.23 -0.63
C ALA A 295 31.99 2.74 0.83
N SER A 296 31.06 3.15 1.68
CA SER A 296 31.13 2.75 3.10
C SER A 296 29.89 1.97 3.53
N ILE A 297 30.11 1.16 4.56
CA ILE A 297 29.05 0.36 5.15
C ILE A 297 28.42 1.16 6.28
N ALA A 298 27.29 1.72 5.92
CA ALA A 298 26.47 2.50 6.84
C ALA A 298 25.13 1.80 6.97
N ASN A 299 24.95 1.23 8.16
CA ASN A 299 23.74 0.48 8.50
C ASN A 299 22.58 1.09 7.72
N PRO A 300 21.28 0.95 7.98
CA PRO A 300 20.32 1.03 6.87
C PRO A 300 20.31 2.29 6.05
N MET A 301 21.36 3.06 6.07
CA MET A 301 21.37 4.28 5.25
C MET A 301 21.53 3.88 3.78
N PRO A 302 20.51 4.04 2.92
CA PRO A 302 20.64 3.64 1.53
C PRO A 302 21.75 4.40 0.87
N LYS A 303 22.38 3.76 -0.07
CA LYS A 303 23.48 4.38 -0.84
C LYS A 303 22.87 5.41 -1.77
N SER A 304 22.84 6.63 -1.26
CA SER A 304 22.24 7.76 -1.98
C SER A 304 23.07 9.02 -1.82
N GLY A 305 22.68 9.99 -2.61
CA GLY A 305 23.30 11.31 -2.62
C GLY A 305 23.09 11.97 -1.27
N TYR A 306 21.85 11.90 -0.81
CA TYR A 306 21.48 12.51 0.47
C TYR A 306 22.32 11.93 1.59
N SER A 307 22.34 10.62 1.67
CA SER A 307 23.10 9.91 2.70
C SER A 307 24.57 10.34 2.66
N ALA A 308 25.05 10.54 1.45
CA ALA A 308 26.45 10.95 1.20
C ALA A 308 26.71 12.30 1.87
N ASN A 309 25.78 13.21 1.63
CA ASN A 309 25.81 14.58 2.15
C ASN A 309 25.86 14.57 3.69
N SER A 310 24.85 13.94 4.29
CA SER A 310 24.74 13.83 5.75
C SER A 310 26.05 13.32 6.35
N GLN A 311 26.41 12.10 5.95
CA GLN A 311 27.63 11.44 6.41
C GLN A 311 28.83 12.35 6.24
N GLY A 312 28.81 13.06 5.13
CA GLY A 312 29.87 14.00 4.78
C GLY A 312 30.08 14.98 5.93
N LYS A 313 28.96 15.40 6.48
CA LYS A 313 28.94 16.35 7.59
C LYS A 313 29.48 15.72 8.87
N VAL A 314 28.98 14.53 9.16
CA VAL A 314 29.42 13.80 10.35
C VAL A 314 30.92 13.54 10.24
N ALA A 315 31.37 13.39 9.01
CA ALA A 315 32.80 13.16 8.71
C ALA A 315 33.57 14.46 8.94
N ALA A 316 33.18 15.45 8.17
CA ALA A 316 33.78 16.79 8.21
C ALA A 316 34.00 17.24 9.65
N ALA A 317 32.95 17.11 10.43
CA ALA A 317 32.95 17.50 11.84
C ALA A 317 33.89 16.57 12.65
N ALA A 318 33.72 15.29 12.38
CA ALA A 318 34.47 14.23 13.07
C ALA A 318 35.99 14.41 12.91
N VAL A 319 36.43 14.71 11.70
CA VAL A 319 37.86 14.85 11.45
C VAL A 319 38.39 16.20 12.00
N VAL A 320 37.78 17.28 11.54
CA VAL A 320 38.21 18.64 11.91
C VAL A 320 38.44 18.81 13.43
N VAL A 321 37.50 18.33 14.24
CA VAL A 321 37.61 18.49 15.72
C VAL A 321 38.55 17.45 16.33
N LEU A 322 38.60 16.31 15.67
CA LEU A 322 39.45 15.18 16.06
C LEU A 322 40.87 15.46 15.58
N LEU A 323 40.88 16.06 14.41
CA LEU A 323 42.10 16.48 13.72
C LEU A 323 43.00 17.21 14.72
N LYS A 324 42.58 18.39 15.12
CA LYS A 324 43.43 19.18 16.00
C LYS A 324 42.87 19.41 17.43
N GLY A 325 41.74 18.91 17.82
CA GLY A 325 41.28 19.24 19.20
C GLY A 325 41.09 18.02 20.11
N GLU A 326 39.79 17.81 20.37
CA GLU A 326 39.25 16.82 21.32
C GLU A 326 38.12 15.89 20.75
N GLU A 327 37.52 15.17 21.72
CA GLU A 327 36.47 14.14 21.54
C GLU A 327 35.22 14.65 20.79
N PRO A 328 34.99 14.24 19.51
CA PRO A 328 33.76 14.60 18.81
C PRO A 328 32.56 14.03 19.56
N GLY A 329 31.36 14.43 19.14
CA GLY A 329 30.10 14.04 19.81
C GLY A 329 29.28 13.03 18.99
N THR A 330 27.99 12.96 19.35
CA THR A 330 27.01 12.05 18.73
C THR A 330 26.38 12.71 17.50
N PRO A 331 25.98 11.90 16.50
CA PRO A 331 25.35 12.43 15.29
C PRO A 331 23.94 11.94 15.03
N SER A 332 23.33 12.56 14.06
CA SER A 332 22.03 12.17 13.54
C SER A 332 22.28 12.24 12.04
N TYR A 333 21.73 11.31 11.26
CA TYR A 333 21.95 11.29 9.82
C TYR A 333 20.54 11.19 9.30
N LEU A 334 20.38 11.53 8.02
CA LEU A 334 19.08 11.55 7.41
C LEU A 334 19.21 11.16 5.95
N ASN A 335 18.16 10.59 5.37
CA ASN A 335 18.10 10.33 3.94
C ASN A 335 16.71 10.54 3.41
N THR A 336 16.54 11.03 2.17
CA THR A 336 15.28 10.87 1.48
C THR A 336 15.65 10.81 -0.01
N CYS A 337 15.12 9.82 -0.76
CA CYS A 337 15.44 9.58 -2.19
C CYS A 337 14.11 9.98 -2.86
N TYR A 338 14.02 10.90 -3.83
CA TYR A 338 12.78 11.28 -4.49
C TYR A 338 12.64 10.66 -5.89
N SER A 339 11.41 10.38 -6.35
CA SER A 339 11.22 9.68 -7.61
C SER A 339 10.15 10.41 -8.34
N ILE A 340 10.38 10.92 -9.53
CA ILE A 340 9.33 11.65 -10.19
C ILE A 340 9.00 10.65 -11.32
N LEU A 341 7.71 10.40 -11.45
CA LEU A 341 7.15 9.36 -12.31
C LEU A 341 6.48 9.84 -13.56
N ALA A 342 6.06 11.08 -13.47
CA ALA A 342 5.38 11.84 -14.51
C ALA A 342 5.43 13.28 -13.97
N PRO A 343 5.43 14.37 -14.75
CA PRO A 343 5.70 15.73 -14.26
C PRO A 343 4.88 16.19 -13.07
N ALA A 344 3.69 15.57 -12.97
CA ALA A 344 2.70 15.78 -11.96
C ALA A 344 2.63 14.65 -10.94
N TYR A 345 3.51 13.66 -10.85
CA TYR A 345 3.23 12.54 -9.93
C TYR A 345 4.58 12.29 -9.33
N GLY A 346 4.76 12.36 -8.01
CA GLY A 346 6.05 12.15 -7.42
C GLY A 346 5.87 11.45 -6.12
N ILE A 347 6.85 10.70 -5.68
CA ILE A 347 6.73 10.00 -4.42
C ILE A 347 8.06 10.21 -3.73
N SER A 348 8.26 9.72 -2.51
CA SER A 348 9.50 9.92 -1.81
C SER A 348 9.65 8.85 -0.73
N VAL A 349 10.82 8.47 -0.25
CA VAL A 349 10.91 7.70 0.97
C VAL A 349 11.85 8.56 1.81
N ALA A 350 11.63 8.70 3.11
CA ALA A 350 12.43 9.55 3.97
C ALA A 350 12.69 8.77 5.28
N ALA A 351 13.80 9.04 5.95
CA ALA A 351 14.11 8.35 7.23
C ALA A 351 15.15 9.12 8.06
N ILE A 352 15.02 8.99 9.38
CA ILE A 352 15.96 9.61 10.35
C ILE A 352 16.67 8.51 11.13
N TYR A 353 17.97 8.65 11.27
CA TYR A 353 18.79 7.64 11.94
C TYR A 353 19.59 8.25 13.10
N ARG A 354 19.95 7.37 13.99
CA ARG A 354 20.71 7.72 15.19
C ARG A 354 21.60 6.57 15.63
N PRO A 355 22.76 6.84 16.22
CA PRO A 355 23.58 5.77 16.72
C PRO A 355 22.76 5.07 17.75
N ASN A 356 22.22 3.95 17.33
CA ASN A 356 21.40 3.13 18.22
C ASN A 356 22.30 2.51 19.27
N ALA A 357 22.03 2.98 20.47
CA ALA A 357 22.69 2.63 21.72
C ALA A 357 24.11 3.19 21.71
N ASP A 358 25.06 2.27 21.65
CA ASP A 358 26.47 2.64 21.67
C ASP A 358 27.32 1.71 20.80
N GLY A 359 28.15 2.37 20.01
CA GLY A 359 29.09 1.74 19.08
C GLY A 359 28.59 1.92 17.65
N SER A 360 29.03 1.00 16.82
CA SER A 360 28.59 0.95 15.44
C SER A 360 27.23 0.28 15.42
N ALA A 361 26.32 1.01 14.84
CA ALA A 361 24.93 0.60 14.69
C ALA A 361 24.10 1.84 14.44
N ILE A 362 23.83 2.05 13.19
CA ILE A 362 22.94 3.12 12.79
C ILE A 362 21.56 2.50 12.63
N GLU A 363 20.62 2.99 13.38
CA GLU A 363 19.26 2.50 13.27
C GLU A 363 18.31 3.67 13.21
N SER A 364 17.33 3.51 12.36
CA SER A 364 16.30 4.52 12.17
C SER A 364 15.56 4.71 13.49
N VAL A 365 15.33 5.97 13.81
CA VAL A 365 14.57 6.29 15.03
C VAL A 365 13.15 5.78 14.80
N PRO A 366 12.63 4.90 15.68
CA PRO A 366 11.34 4.27 15.48
C PRO A 366 10.21 5.27 15.38
N ASP A 367 9.23 4.86 14.55
CA ASP A 367 7.97 5.61 14.29
C ASP A 367 8.10 6.74 13.24
N SER A 368 9.31 6.98 12.76
CA SER A 368 9.56 8.08 11.81
C SER A 368 9.80 7.57 10.39
N GLY A 369 9.89 8.54 9.49
CA GLY A 369 10.13 8.30 8.06
C GLY A 369 8.98 7.51 7.45
N GLY A 370 9.21 7.14 6.22
CA GLY A 370 8.26 6.38 5.42
C GLY A 370 8.27 6.92 3.99
N VAL A 371 7.35 6.39 3.21
CA VAL A 371 7.20 6.78 1.81
C VAL A 371 5.75 7.18 1.53
N THR A 372 5.65 8.16 0.67
CA THR A 372 4.37 8.75 0.23
C THR A 372 3.26 7.75 0.35
N PRO A 373 2.23 7.92 1.17
CA PRO A 373 1.24 6.89 1.40
C PRO A 373 0.62 6.49 0.07
N VAL A 374 0.25 5.23 -0.12
CA VAL A 374 -0.33 4.82 -1.41
C VAL A 374 -1.65 5.55 -1.67
N ASP A 375 -2.46 5.79 -0.63
CA ASP A 375 -3.70 6.55 -0.75
C ASP A 375 -3.48 8.08 -0.81
N ALA A 376 -2.34 8.52 -1.35
CA ALA A 376 -2.05 9.92 -1.41
C ALA A 376 -2.96 10.65 -2.40
N PRO A 377 -3.49 11.80 -1.97
CA PRO A 377 -4.26 12.69 -2.83
C PRO A 377 -3.42 13.40 -3.84
N ASP A 378 -4.15 13.85 -4.84
CA ASP A 378 -3.60 14.55 -5.99
C ASP A 378 -2.59 15.62 -5.58
N TRP A 379 -2.96 16.44 -4.62
CA TRP A 379 -2.06 17.54 -4.22
C TRP A 379 -0.72 17.00 -3.71
N VAL A 380 -0.72 15.95 -2.92
CA VAL A 380 0.56 15.44 -2.41
C VAL A 380 1.50 15.07 -3.58
N LEU A 381 0.97 14.29 -4.51
CA LEU A 381 1.72 13.80 -5.68
C LEU A 381 2.23 14.94 -6.58
N GLU A 382 1.44 15.98 -6.63
CA GLU A 382 1.69 17.17 -7.45
C GLU A 382 2.74 18.07 -6.79
N ARG A 383 2.61 18.19 -5.49
CA ARG A 383 3.51 19.03 -4.70
C ARG A 383 4.93 18.38 -4.64
N GLU A 384 4.94 17.09 -4.33
CA GLU A 384 6.20 16.31 -4.18
C GLU A 384 7.16 16.49 -5.37
N VAL A 385 6.63 16.62 -6.57
CA VAL A 385 7.51 16.81 -7.74
C VAL A 385 8.31 18.12 -7.55
N GLN A 386 7.58 19.16 -7.13
CA GLN A 386 8.15 20.50 -6.87
C GLN A 386 9.15 20.49 -5.71
N TYR A 387 8.84 19.66 -4.72
CA TYR A 387 9.70 19.54 -3.55
C TYR A 387 10.90 18.67 -3.90
N ALA A 388 10.75 17.92 -4.97
CA ALA A 388 11.85 17.08 -5.49
C ALA A 388 12.87 18.00 -6.14
N TYR A 389 12.38 18.90 -6.98
CA TYR A 389 13.25 19.88 -7.66
C TYR A 389 13.96 20.73 -6.61
N SER A 390 13.16 21.23 -5.69
CA SER A 390 13.66 22.08 -4.60
C SER A 390 14.78 21.37 -3.84
N TRP A 391 14.58 20.08 -3.61
CA TRP A 391 15.60 19.28 -2.91
C TRP A 391 16.89 19.24 -3.73
N TYR A 392 16.73 19.18 -5.04
CA TYR A 392 17.86 19.12 -5.96
C TYR A 392 18.65 20.44 -5.92
N ASN A 393 17.94 21.50 -6.21
CA ASN A 393 18.50 22.86 -6.24
C ASN A 393 19.24 23.20 -4.96
N ASN A 394 18.68 22.76 -3.86
CA ASN A 394 19.27 23.07 -2.56
C ASN A 394 20.47 22.18 -2.27
N ILE A 395 20.33 20.88 -2.44
CA ILE A 395 21.44 19.96 -2.11
C ILE A 395 22.67 20.15 -3.03
N VAL A 396 22.50 20.65 -4.25
CA VAL A 396 23.69 20.84 -5.11
C VAL A 396 24.35 22.18 -4.82
N HIS A 397 23.67 22.98 -4.00
CA HIS A 397 24.19 24.28 -3.57
C HIS A 397 24.81 24.11 -2.19
N ASP A 398 24.17 23.29 -1.37
CA ASP A 398 24.74 22.99 -0.05
C ASP A 398 26.08 22.33 -0.28
N THR A 399 26.02 21.31 -1.14
CA THR A 399 27.21 20.52 -1.50
C THR A 399 28.22 21.44 -2.22
N PHE A 400 28.33 21.66 -3.48
CA PHE A 400 29.46 22.59 -3.99
C PHE A 400 28.89 24.13 -3.69
N GLY A 401 28.01 25.03 -3.23
CA GLY A 401 28.56 25.96 -2.29
C GLY A 401 29.14 27.22 -2.97
N GLU B 1 23.62 13.56 23.17
CA GLU B 1 22.58 14.03 22.29
C GLU B 1 23.34 14.99 21.41
N PRO B 2 22.89 15.21 20.19
CA PRO B 2 23.64 15.97 19.22
C PRO B 2 23.38 17.40 19.48
N THR B 3 24.34 18.16 18.99
CA THR B 3 24.27 19.60 18.98
C THR B 3 23.17 20.02 18.01
N ALA B 4 22.66 21.21 18.27
CA ALA B 4 21.67 21.82 17.43
C ALA B 4 22.14 21.82 16.00
N GLU B 5 23.41 22.17 15.80
CA GLU B 5 23.88 22.24 14.44
C GLU B 5 23.99 20.87 13.78
N MET B 6 24.22 19.80 14.55
CA MET B 6 24.26 18.49 13.97
C MET B 6 22.84 18.27 13.46
N LEU B 7 21.80 18.40 14.29
CA LEU B 7 20.45 18.15 13.83
C LEU B 7 20.05 19.06 12.69
N THR B 8 20.52 20.29 12.66
CA THR B 8 20.09 21.17 11.59
C THR B 8 20.81 20.99 10.29
N ASN B 9 21.95 20.26 10.31
CA ASN B 9 22.77 19.95 9.13
C ASN B 9 21.98 19.28 8.02
N ASN B 10 21.32 18.21 8.49
CA ASN B 10 20.48 17.31 7.73
C ASN B 10 19.25 17.94 7.14
N CYS B 11 18.92 19.21 7.29
CA CYS B 11 17.75 19.82 6.68
C CYS B 11 18.24 20.64 5.52
N ALA B 12 19.56 20.85 5.37
CA ALA B 12 20.04 21.67 4.29
C ALA B 12 19.67 21.13 2.92
N GLY B 13 19.48 19.81 2.85
CA GLY B 13 19.07 19.10 1.67
C GLY B 13 17.85 19.70 1.06
N CYS B 14 16.80 19.93 1.84
CA CYS B 14 15.59 20.50 1.27
C CYS B 14 15.38 21.99 1.46
N HIS B 15 15.79 22.67 2.54
CA HIS B 15 15.62 24.13 2.52
C HIS B 15 16.89 24.84 2.89
N GLY B 16 17.86 24.78 1.97
CA GLY B 16 19.10 25.54 2.03
C GLY B 16 20.05 25.33 3.17
N THR B 17 21.32 25.68 2.90
CA THR B 17 22.35 25.72 3.96
C THR B 17 21.81 26.78 4.94
N HIS B 18 21.73 26.57 6.26
CA HIS B 18 21.13 27.53 7.21
C HIS B 18 19.62 27.76 7.14
N GLY B 19 18.80 27.06 6.36
CA GLY B 19 17.38 27.34 6.32
C GLY B 19 17.02 28.25 5.14
N ASN B 20 17.94 28.83 4.38
CA ASN B 20 17.57 29.70 3.27
C ASN B 20 17.45 28.87 2.01
N SER B 21 16.24 28.57 1.60
CA SER B 21 16.03 27.67 0.49
C SER B 21 16.22 28.43 -0.79
N VAL B 22 16.93 27.75 -1.71
CA VAL B 22 17.05 28.17 -3.10
C VAL B 22 15.72 27.74 -3.74
N GLY B 23 15.52 27.92 -5.06
CA GLY B 23 14.27 27.51 -5.68
C GLY B 23 13.81 26.04 -5.54
N PRO B 24 12.68 25.69 -6.11
CA PRO B 24 11.66 26.66 -6.46
C PRO B 24 10.49 26.70 -5.50
N ALA B 25 10.42 25.75 -4.58
CA ALA B 25 9.23 25.67 -3.80
C ALA B 25 9.41 25.39 -2.35
N SER B 26 10.45 24.74 -1.86
CA SER B 26 10.63 24.63 -0.41
C SER B 26 10.60 25.99 0.32
N PRO B 27 10.03 26.17 1.53
CA PRO B 27 10.10 27.38 2.35
C PRO B 27 11.48 27.63 2.94
N SER B 28 11.95 28.87 2.95
CA SER B 28 13.19 29.16 3.67
C SER B 28 12.77 29.17 5.12
N ILE B 29 13.52 28.62 6.02
CA ILE B 29 13.19 28.65 7.43
C ILE B 29 14.34 29.33 8.19
N ALA B 30 15.07 30.28 7.61
CA ALA B 30 16.22 30.88 8.30
C ALA B 30 15.85 31.74 9.51
N GLN B 31 15.36 32.97 9.37
CA GLN B 31 15.01 33.70 10.56
C GLN B 31 13.63 33.16 10.90
N MET B 32 13.52 32.42 11.98
CA MET B 32 12.22 31.90 12.28
C MET B 32 11.99 32.05 13.77
N ASP B 33 10.82 32.61 14.09
CA ASP B 33 10.51 32.80 15.47
C ASP B 33 10.47 31.48 16.22
N PRO B 34 11.37 31.18 17.15
CA PRO B 34 11.52 29.89 17.80
C PRO B 34 10.31 29.32 18.42
N MET B 35 9.36 30.21 18.67
CA MET B 35 8.08 29.85 19.25
C MET B 35 7.20 29.30 18.14
N VAL B 36 7.13 30.03 17.00
CA VAL B 36 6.37 29.58 15.83
C VAL B 36 6.90 28.22 15.32
N PHE B 37 8.23 28.05 15.26
CA PHE B 37 8.91 26.83 14.89
C PHE B 37 8.45 25.64 15.70
N VAL B 38 8.46 25.56 17.04
CA VAL B 38 8.07 24.33 17.74
C VAL B 38 6.58 24.07 17.53
N GLU B 39 5.76 25.11 17.38
CA GLU B 39 4.33 24.99 17.18
C GLU B 39 4.16 24.24 15.87
N VAL B 40 4.69 24.79 14.79
CA VAL B 40 4.63 24.19 13.46
C VAL B 40 5.23 22.81 13.46
N MET B 41 6.52 22.66 13.75
CA MET B 41 7.16 21.36 13.88
C MET B 41 6.37 20.34 14.71
N GLU B 42 5.83 20.68 15.86
CA GLU B 42 5.10 19.71 16.67
C GLU B 42 3.71 19.48 16.08
N GLY B 43 3.27 20.43 15.29
CA GLY B 43 2.00 20.33 14.59
C GLY B 43 2.12 19.28 13.49
N PHE B 44 3.23 19.38 12.72
CA PHE B 44 3.62 18.50 11.61
C PHE B 44 3.67 17.09 12.18
N LYS B 45 4.33 16.98 13.32
CA LYS B 45 4.48 15.74 14.03
C LYS B 45 3.17 15.11 14.39
N SER B 46 2.23 15.89 14.92
CA SER B 46 0.94 15.37 15.34
C SER B 46 0.02 15.05 14.16
N GLY B 47 0.32 15.68 13.04
CA GLY B 47 -0.45 15.47 11.83
C GLY B 47 -1.44 16.60 11.62
N GLU B 48 -1.58 17.54 12.55
CA GLU B 48 -2.63 18.51 12.37
C GLU B 48 -2.34 19.47 11.23
N ILE B 49 -1.07 19.71 10.90
CA ILE B 49 -0.78 20.60 9.80
C ILE B 49 -0.44 19.65 8.65
N ALA B 50 -1.22 19.67 7.56
CA ALA B 50 -1.01 18.75 6.46
C ALA B 50 0.31 18.99 5.77
N SER B 51 1.11 17.91 5.74
CA SER B 51 2.39 17.92 5.07
C SER B 51 2.49 16.97 3.87
N THR B 52 3.50 17.08 3.01
CA THR B 52 3.73 16.03 2.06
C THR B 52 4.75 15.14 2.75
N ILE B 53 5.70 15.65 3.55
CA ILE B 53 6.74 14.82 4.16
C ILE B 53 7.19 15.22 5.54
N MET B 54 6.98 16.49 5.87
CA MET B 54 7.48 17.00 7.15
C MET B 54 6.88 16.25 8.33
N GLY B 55 5.66 15.71 8.31
CA GLY B 55 5.26 14.84 9.41
C GLY B 55 6.16 13.61 9.57
N ARG B 56 6.71 13.08 8.46
CA ARG B 56 7.61 11.94 8.49
C ARG B 56 8.92 12.39 9.09
N ILE B 57 9.47 13.49 8.58
CA ILE B 57 10.68 14.11 9.12
C ILE B 57 10.55 14.43 10.63
N ALA B 58 9.54 15.21 10.98
CA ALA B 58 9.29 15.72 12.31
C ALA B 58 9.12 14.68 13.37
N LYS B 59 8.37 13.63 13.05
CA LYS B 59 8.09 12.54 13.95
C LYS B 59 9.35 11.85 14.46
N GLY B 60 10.55 12.10 13.94
CA GLY B 60 11.71 11.47 14.50
C GLY B 60 12.52 12.33 15.48
N TYR B 61 11.98 13.48 15.81
CA TYR B 61 12.63 14.42 16.70
C TYR B 61 11.60 14.67 17.80
N SER B 62 11.98 15.33 18.89
CA SER B 62 11.06 15.62 19.98
C SER B 62 11.27 17.03 20.48
N THR B 63 10.30 17.64 21.20
CA THR B 63 10.30 19.06 21.62
C THR B 63 11.65 19.67 21.91
N ALA B 64 12.46 19.14 22.84
CA ALA B 64 13.79 19.69 23.08
C ALA B 64 14.66 19.80 21.84
N ASP B 65 14.52 18.86 20.88
CA ASP B 65 15.27 18.91 19.65
C ASP B 65 14.65 20.02 18.83
N PHE B 66 13.34 20.23 18.87
CA PHE B 66 12.75 21.34 18.16
C PHE B 66 13.25 22.63 18.83
N GLU B 67 13.55 22.66 20.14
CA GLU B 67 14.06 23.86 20.78
C GLU B 67 15.49 24.15 20.40
N LYS B 68 16.39 23.13 20.47
CA LYS B 68 17.79 23.25 20.06
C LYS B 68 17.76 23.77 18.65
N MET B 69 16.92 23.15 17.81
CA MET B 69 16.84 23.53 16.43
C MET B 69 16.31 24.95 16.21
N ALA B 70 15.30 25.42 16.94
CA ALA B 70 14.77 26.77 16.70
C ALA B 70 15.75 27.81 17.21
N GLY B 71 16.46 27.42 18.27
CA GLY B 71 17.56 28.20 18.78
C GLY B 71 18.56 28.37 17.66
N TYR B 72 18.89 27.24 17.00
CA TYR B 72 19.79 27.27 15.86
C TYR B 72 19.15 28.09 14.78
N PHE B 73 17.93 27.94 14.29
CA PHE B 73 17.55 28.75 13.15
C PHE B 73 17.38 30.22 13.44
N LYS B 74 16.97 30.59 14.67
CA LYS B 74 16.75 32.00 15.00
C LYS B 74 17.96 32.86 14.70
N GLN B 75 19.17 32.36 14.93
CA GLN B 75 20.27 33.26 14.72
C GLN B 75 20.69 33.43 13.29
N GLN B 76 20.00 32.93 12.29
CA GLN B 76 20.50 33.08 10.93
C GLN B 76 19.91 34.26 10.31
N THR B 77 20.46 34.75 9.21
CA THR B 77 19.82 35.87 8.61
C THR B 77 19.07 35.31 7.40
N TYR B 78 17.83 35.67 7.27
CA TYR B 78 16.97 35.25 6.21
C TYR B 78 17.43 36.01 5.01
N GLN B 79 17.24 35.44 3.83
CA GLN B 79 17.68 36.06 2.58
C GLN B 79 16.43 35.95 1.75
N PRO B 80 15.89 37.00 1.17
CA PRO B 80 14.69 36.97 0.35
C PRO B 80 14.90 36.14 -0.91
N ALA B 81 13.93 35.30 -1.22
CA ALA B 81 14.01 34.47 -2.40
C ALA B 81 13.89 35.29 -3.64
N LYS B 82 14.94 35.40 -4.45
CA LYS B 82 14.86 36.23 -5.64
C LYS B 82 14.10 35.40 -6.64
N GLN B 83 12.95 35.93 -7.03
CA GLN B 83 12.00 35.27 -7.91
C GLN B 83 11.24 36.35 -8.66
N SER B 84 10.32 36.08 -9.58
CA SER B 84 9.62 37.11 -10.31
C SER B 84 8.24 37.41 -9.74
N PHE B 85 8.00 38.66 -9.38
CA PHE B 85 6.71 39.11 -8.88
C PHE B 85 6.04 39.89 -9.99
N ASP B 86 4.78 40.28 -9.80
CA ASP B 86 4.07 41.05 -10.80
C ASP B 86 4.19 42.53 -10.46
N THR B 87 4.68 43.39 -11.35
CA THR B 87 4.80 44.82 -11.09
C THR B 87 3.43 45.47 -10.90
N ALA B 88 2.56 45.30 -11.92
CA ALA B 88 1.19 45.83 -11.94
C ALA B 88 0.33 45.49 -10.74
N LEU B 89 0.71 44.37 -10.15
CA LEU B 89 0.08 43.81 -8.99
C LEU B 89 0.86 44.06 -7.72
N ALA B 90 2.18 44.34 -7.80
CA ALA B 90 3.03 44.48 -6.62
C ALA B 90 2.42 45.44 -5.62
N ASP B 91 2.01 46.52 -6.27
CA ASP B 91 1.31 47.62 -5.65
C ASP B 91 0.03 47.21 -4.92
N THR B 92 -1.01 46.78 -5.61
CA THR B 92 -2.30 46.41 -5.05
C THR B 92 -2.19 45.47 -3.87
N GLY B 93 -1.13 44.66 -3.91
CA GLY B 93 -0.83 43.76 -2.85
C GLY B 93 -0.67 44.52 -1.56
N ALA B 94 0.13 45.59 -1.57
CA ALA B 94 0.43 46.42 -0.39
C ALA B 94 -0.77 46.96 0.37
N LYS B 95 -1.63 47.53 -0.47
CA LYS B 95 -2.88 48.12 -0.08
C LYS B 95 -3.70 47.06 0.63
N LEU B 96 -4.07 45.99 -0.09
CA LEU B 96 -4.83 44.86 0.46
C LEU B 96 -4.20 44.26 1.73
N HIS B 97 -2.87 44.15 1.76
CA HIS B 97 -2.12 43.66 2.92
C HIS B 97 -2.44 44.52 4.14
N ASP B 98 -2.42 45.87 4.02
CA ASP B 98 -2.71 46.73 5.15
C ASP B 98 -4.11 46.44 5.61
N LYS B 99 -5.04 46.59 4.67
CA LYS B 99 -6.44 46.48 4.99
C LYS B 99 -6.84 45.12 5.53
N TYR B 100 -6.13 44.01 5.27
CA TYR B 100 -6.58 42.73 5.78
C TYR B 100 -5.56 41.93 6.59
N CYS B 101 -4.27 42.09 6.35
CA CYS B 101 -3.34 41.17 6.98
C CYS B 101 -2.43 41.79 7.99
N GLU B 102 -2.13 43.06 7.76
CA GLU B 102 -1.20 43.82 8.59
C GLU B 102 -1.31 43.73 10.10
N LYS B 103 -2.50 43.38 10.59
CA LYS B 103 -2.81 43.19 11.99
C LYS B 103 -1.80 42.25 12.67
N CYS B 104 -1.49 41.12 12.01
CA CYS B 104 -0.54 40.16 12.54
C CYS B 104 0.68 40.01 11.63
N HIS B 105 0.52 40.21 10.32
CA HIS B 105 1.65 40.07 9.43
C HIS B 105 2.40 41.37 9.34
N VAL B 106 3.21 41.46 10.40
CA VAL B 106 4.21 42.50 10.70
C VAL B 106 4.93 43.27 9.56
N GLU B 107 4.53 44.45 9.11
CA GLU B 107 5.30 45.26 8.16
C GLU B 107 5.60 44.60 6.80
N GLY B 108 4.60 44.02 6.14
CA GLY B 108 4.82 43.30 4.89
C GLY B 108 5.11 41.83 5.17
N GLY B 109 4.80 41.36 6.39
CA GLY B 109 5.04 40.00 6.85
C GLY B 109 6.53 39.70 6.87
N LYS B 110 7.42 40.69 6.92
CA LYS B 110 8.86 40.49 6.89
C LYS B 110 9.30 39.79 8.16
N PRO B 111 10.45 39.09 8.13
CA PRO B 111 11.12 38.63 9.32
C PRO B 111 11.71 39.77 10.12
N LEU B 112 10.84 40.30 10.97
CA LEU B 112 11.23 41.32 11.92
C LEU B 112 11.82 40.53 13.10
N ALA B 113 13.08 40.60 13.52
CA ALA B 113 13.51 39.86 14.71
C ALA B 113 13.10 40.62 15.98
N ASP B 114 11.85 41.12 15.97
CA ASP B 114 11.27 42.07 16.93
C ASP B 114 10.88 41.19 18.08
N GLU B 115 11.92 40.82 18.81
CA GLU B 115 11.86 39.91 19.93
C GLU B 115 11.04 38.63 19.66
N GLU B 116 9.70 38.67 19.71
CA GLU B 116 8.91 37.46 19.58
C GLU B 116 7.70 37.71 18.70
N ASP B 117 7.10 36.57 18.27
CA ASP B 117 5.94 36.34 17.37
C ASP B 117 5.83 37.04 16.01
N TYR B 118 5.91 36.33 14.87
CA TYR B 118 5.80 36.91 13.53
C TYR B 118 5.76 35.86 12.42
N HIS B 119 4.99 36.10 11.35
CA HIS B 119 4.91 35.11 10.29
C HIS B 119 5.42 35.71 9.01
N ILE B 120 6.58 35.14 8.80
CA ILE B 120 7.46 35.44 7.70
C ILE B 120 6.80 35.15 6.37
N LEU B 121 6.80 36.08 5.44
CA LEU B 121 6.02 35.98 4.23
C LEU B 121 6.69 36.80 3.16
N ALA B 122 7.49 37.80 3.52
CA ALA B 122 8.19 38.56 2.51
C ALA B 122 9.40 37.74 2.12
N GLY B 123 9.62 37.75 0.81
CA GLY B 123 10.71 36.97 0.24
C GLY B 123 10.54 35.46 0.32
N GLN B 124 9.43 34.89 0.81
CA GLN B 124 9.23 33.46 0.86
C GLN B 124 8.81 33.10 -0.55
N TRP B 125 9.12 31.85 -0.89
CA TRP B 125 8.90 31.28 -2.21
C TRP B 125 7.38 31.22 -2.51
N THR B 126 7.01 31.86 -3.62
CA THR B 126 5.59 31.97 -4.03
C THR B 126 4.88 30.62 -4.12
N PRO B 127 5.42 29.58 -4.76
CA PRO B 127 4.71 28.33 -4.87
C PRO B 127 4.31 27.85 -3.51
N TYR B 128 5.23 27.94 -2.57
CA TYR B 128 4.96 27.49 -1.20
C TYR B 128 3.76 28.24 -0.60
N LEU B 129 3.81 29.55 -0.71
CA LEU B 129 2.74 30.40 -0.13
C LEU B 129 1.40 30.12 -0.81
N GLN B 130 1.46 29.74 -2.07
CA GLN B 130 0.24 29.39 -2.84
C GLN B 130 -0.35 28.11 -2.26
N TYR B 131 0.55 27.18 -1.97
CA TYR B 131 0.19 25.90 -1.37
C TYR B 131 -0.35 26.15 0.04
N ALA B 132 0.40 26.99 0.73
CA ALA B 132 0.10 27.40 2.09
C ALA B 132 -1.37 27.81 2.22
N MET B 133 -1.77 28.70 1.34
CA MET B 133 -3.14 29.22 1.32
C MET B 133 -4.13 28.09 0.98
N SER B 134 -3.74 27.21 0.09
CA SER B 134 -4.60 26.09 -0.34
C SER B 134 -4.99 25.21 0.85
N ASP B 135 -4.01 24.93 1.70
CA ASP B 135 -4.22 24.10 2.89
C ASP B 135 -5.13 24.83 3.88
N PHE B 136 -5.16 26.13 3.72
CA PHE B 136 -6.00 26.98 4.57
C PHE B 136 -7.44 26.93 4.08
N ARG B 137 -7.64 27.50 2.90
CA ARG B 137 -8.96 27.58 2.29
C ARG B 137 -9.63 26.20 2.25
N GLU B 138 -8.83 25.15 2.24
CA GLU B 138 -9.39 23.79 2.16
C GLU B 138 -9.51 23.15 3.55
N GLU B 139 -8.96 23.79 4.57
CA GLU B 139 -9.10 23.31 5.98
C GLU B 139 -8.18 22.11 6.28
N ARG B 140 -6.99 22.17 5.74
CA ARG B 140 -5.97 21.12 5.96
C ARG B 140 -5.05 21.55 7.09
N ARG B 141 -5.05 22.84 7.30
CA ARG B 141 -4.22 23.48 8.31
C ARG B 141 -5.07 24.24 9.32
N PRO B 142 -4.77 24.15 10.61
CA PRO B 142 -5.49 24.93 11.58
C PRO B 142 -5.27 26.38 11.27
N MET B 143 -6.35 27.14 11.26
CA MET B 143 -6.28 28.58 10.96
C MET B 143 -7.00 29.38 12.05
N GLU B 144 -6.28 30.36 12.58
CA GLU B 144 -6.82 31.23 13.63
C GLU B 144 -8.01 32.00 13.05
N LYS B 145 -8.99 32.18 13.92
CA LYS B 145 -10.30 32.76 13.61
C LYS B 145 -10.27 34.19 13.00
N LYS B 146 -9.24 34.98 13.27
CA LYS B 146 -9.17 36.33 12.68
C LYS B 146 -8.43 36.25 11.35
N MET B 147 -7.46 35.36 11.36
CA MET B 147 -6.64 35.06 10.18
C MET B 147 -7.60 34.64 9.06
N ALA B 148 -8.57 33.85 9.46
CA ALA B 148 -9.61 33.35 8.56
C ALA B 148 -10.46 34.52 8.02
N SER B 149 -11.32 35.04 8.89
CA SER B 149 -12.28 36.14 8.59
C SER B 149 -11.78 37.10 7.49
N LYS B 150 -10.61 37.65 7.71
CA LYS B 150 -10.00 38.65 6.81
C LYS B 150 -9.71 38.04 5.42
N LEU B 151 -9.38 36.76 5.47
CA LEU B 151 -9.07 35.93 4.29
C LEU B 151 -10.40 35.38 3.75
N ARG B 152 -10.93 34.47 4.54
CA ARG B 152 -12.16 33.69 4.30
C ARG B 152 -13.35 34.49 3.75
N GLU B 153 -13.62 35.67 4.28
CA GLU B 153 -14.74 36.46 3.74
C GLU B 153 -14.26 37.73 3.06
N LEU B 154 -13.54 38.47 3.85
CA LEU B 154 -13.09 39.81 3.48
C LEU B 154 -12.16 39.83 2.25
N LEU B 155 -11.01 39.18 2.29
CA LEU B 155 -10.07 39.21 1.14
C LEU B 155 -10.80 38.89 -0.17
N LYS B 156 -11.72 37.97 -0.04
CA LYS B 156 -12.48 37.44 -1.19
C LYS B 156 -13.53 38.44 -1.69
N ALA B 157 -13.41 39.68 -1.24
CA ALA B 157 -14.24 40.77 -1.79
C ALA B 157 -13.55 41.20 -3.09
N GLU B 158 -12.29 40.75 -3.15
CA GLU B 158 -11.37 40.92 -4.28
C GLU B 158 -11.35 39.65 -5.14
N GLY B 159 -11.67 38.53 -4.50
CA GLY B 159 -11.65 37.22 -5.16
C GLY B 159 -10.20 36.72 -5.20
N ASP B 160 -9.95 35.76 -6.07
CA ASP B 160 -8.61 35.17 -6.19
C ASP B 160 -7.61 36.23 -6.66
N ALA B 161 -8.08 37.20 -7.42
CA ALA B 161 -7.20 38.30 -7.88
C ALA B 161 -6.52 38.92 -6.67
N GLY B 162 -7.24 38.85 -5.56
CA GLY B 162 -6.76 39.34 -4.27
C GLY B 162 -5.45 38.64 -3.92
N LEU B 163 -5.58 37.34 -3.66
CA LEU B 163 -4.45 36.48 -3.29
C LEU B 163 -3.29 36.65 -4.28
N ASP B 164 -3.61 36.78 -5.56
CA ASP B 164 -2.58 36.99 -6.59
C ASP B 164 -1.78 38.23 -6.22
N ALA B 165 -2.54 39.29 -6.01
CA ALA B 165 -1.98 40.58 -5.61
C ALA B 165 -1.17 40.39 -4.34
N LEU B 166 -1.68 39.70 -3.32
CA LEU B 166 -0.85 39.55 -2.13
C LEU B 166 0.43 38.81 -2.42
N PHE B 167 0.40 37.77 -3.28
CA PHE B 167 1.57 36.94 -3.61
C PHE B 167 2.67 37.67 -4.34
N ALA B 168 2.22 38.59 -5.20
CA ALA B 168 3.12 39.48 -5.91
C ALA B 168 3.80 40.46 -4.94
N PHE B 169 3.04 41.06 -4.03
CA PHE B 169 3.57 41.99 -3.06
C PHE B 169 4.58 41.31 -2.14
N TYR B 170 4.32 40.19 -1.48
CA TYR B 170 5.36 39.56 -0.64
C TYR B 170 6.63 39.22 -1.42
N ALA B 171 6.46 38.92 -2.71
CA ALA B 171 7.61 38.60 -3.55
C ALA B 171 8.39 39.85 -3.90
N SER B 172 7.79 41.02 -4.13
CA SER B 172 8.54 42.25 -4.38
C SER B 172 9.51 42.58 -3.24
N GLN B 173 9.19 42.13 -2.02
CA GLN B 173 10.01 42.46 -0.87
C GLN B 173 11.32 41.68 -0.81
N GLN B 174 12.19 41.98 -1.76
CA GLN B 174 13.48 41.33 -1.86
C GLN B 174 14.57 42.33 -1.53
N ALA C 1 -55.10 -16.12 -6.58
CA ALA C 1 -54.43 -16.95 -7.54
C ALA C 1 -53.15 -17.33 -6.82
N GLY C 2 -52.39 -18.33 -7.29
CA GLY C 2 -51.13 -18.72 -6.69
C GLY C 2 -50.12 -18.75 -7.82
N ARG C 3 -48.92 -18.20 -7.60
CA ARG C 3 -47.89 -18.22 -8.61
C ARG C 3 -46.79 -19.13 -8.08
N LYS C 4 -45.84 -19.48 -8.93
CA LYS C 4 -44.87 -20.51 -8.63
C LYS C 4 -43.60 -19.96 -9.25
N VAL C 5 -42.50 -20.13 -8.52
CA VAL C 5 -41.17 -19.75 -8.94
C VAL C 5 -40.26 -20.95 -8.72
N VAL C 6 -39.43 -21.16 -9.72
CA VAL C 6 -38.52 -22.30 -9.79
C VAL C 6 -37.11 -21.76 -9.61
N VAL C 7 -36.32 -22.31 -8.69
CA VAL C 7 -34.95 -21.87 -8.54
C VAL C 7 -34.07 -22.99 -9.13
N VAL C 8 -33.32 -22.77 -10.21
CA VAL C 8 -32.33 -23.72 -10.77
C VAL C 8 -30.95 -23.54 -10.08
N GLY C 9 -30.62 -24.20 -8.98
CA GLY C 9 -29.33 -24.01 -8.34
C GLY C 9 -29.49 -24.09 -6.83
N GLY C 10 -28.63 -24.59 -5.97
CA GLY C 10 -28.99 -24.65 -4.57
C GLY C 10 -27.76 -24.26 -3.85
N GLY C 11 -27.02 -23.28 -4.37
CA GLY C 11 -25.82 -22.78 -3.70
C GLY C 11 -26.16 -21.51 -2.91
N THR C 12 -25.19 -20.63 -2.88
CA THR C 12 -25.33 -19.34 -2.20
C THR C 12 -26.50 -18.57 -2.81
N GLY C 13 -26.57 -18.67 -4.12
CA GLY C 13 -27.63 -18.04 -4.91
C GLY C 13 -28.87 -18.92 -4.86
N GLY C 14 -28.68 -20.06 -4.23
CA GLY C 14 -29.74 -21.06 -4.03
C GLY C 14 -30.84 -20.47 -3.17
N ALA C 15 -30.45 -20.10 -1.97
CA ALA C 15 -31.34 -19.49 -0.98
C ALA C 15 -31.96 -18.22 -1.57
N THR C 16 -31.23 -17.63 -2.48
CA THR C 16 -31.70 -16.43 -3.17
C THR C 16 -33.23 -16.33 -3.02
N ALA C 17 -33.95 -16.82 -3.93
CA ALA C 17 -35.38 -16.64 -3.79
C ALA C 17 -35.95 -17.71 -2.89
N ALA C 18 -35.30 -18.84 -2.99
CA ALA C 18 -35.67 -20.05 -2.26
C ALA C 18 -36.26 -19.72 -0.88
N LYS C 19 -35.39 -19.23 -0.01
CA LYS C 19 -35.76 -18.94 1.38
C LYS C 19 -36.42 -17.56 1.55
N TYR C 20 -35.87 -16.57 0.88
CA TYR C 20 -36.34 -15.19 1.02
C TYR C 20 -37.57 -14.91 0.16
N ILE C 21 -38.12 -15.99 -0.37
CA ILE C 21 -39.36 -15.95 -1.14
C ILE C 21 -40.45 -16.56 -0.27
N LYS C 22 -40.18 -17.80 0.14
CA LYS C 22 -41.06 -18.53 1.05
C LYS C 22 -41.08 -17.76 2.36
N LEU C 23 -39.87 -17.45 2.79
CA LEU C 23 -39.69 -16.63 3.97
C LEU C 23 -40.54 -15.38 3.75
N ALA C 24 -40.02 -14.44 2.99
CA ALA C 24 -40.75 -13.20 2.69
C ALA C 24 -42.29 -13.44 2.52
N ASP C 25 -42.68 -14.27 1.54
CA ASP C 25 -44.13 -14.52 1.19
C ASP C 25 -44.47 -16.03 1.09
N PRO C 26 -45.03 -16.67 2.16
CA PRO C 26 -45.31 -18.12 2.18
C PRO C 26 -46.33 -18.64 1.17
N SER C 27 -47.03 -17.78 0.42
CA SER C 27 -48.08 -18.31 -0.49
C SER C 27 -47.56 -18.57 -1.93
N ILE C 28 -46.43 -17.99 -2.30
CA ILE C 28 -45.86 -18.22 -3.65
C ILE C 28 -44.86 -19.37 -3.60
N GLU C 29 -45.29 -20.51 -4.14
CA GLU C 29 -44.51 -21.76 -4.08
C GLU C 29 -43.28 -21.75 -4.97
N VAL C 30 -42.24 -22.26 -4.34
CA VAL C 30 -40.90 -22.38 -4.91
C VAL C 30 -40.42 -23.82 -4.73
N THR C 31 -40.03 -24.31 -5.89
CA THR C 31 -39.37 -25.60 -6.04
C THR C 31 -37.94 -25.25 -6.46
N LEU C 32 -36.99 -25.91 -5.81
CA LEU C 32 -35.57 -25.71 -6.02
C LEU C 32 -34.99 -26.98 -6.64
N ILE C 33 -34.47 -26.88 -7.85
CA ILE C 33 -33.89 -28.01 -8.54
C ILE C 33 -32.40 -28.04 -8.26
N GLU C 34 -31.88 -29.00 -7.54
CA GLU C 34 -30.46 -29.05 -7.32
C GLU C 34 -30.04 -30.50 -7.47
N PRO C 35 -29.05 -30.88 -8.30
CA PRO C 35 -28.47 -32.20 -8.41
C PRO C 35 -27.80 -32.73 -7.19
N ASN C 36 -27.11 -31.87 -6.44
CA ASN C 36 -26.34 -32.39 -5.33
C ASN C 36 -27.10 -32.40 -4.06
N THR C 37 -26.88 -33.47 -3.34
CA THR C 37 -27.42 -33.68 -2.04
C THR C 37 -26.80 -32.73 -1.01
N ASP C 38 -25.51 -32.43 -1.17
CA ASP C 38 -24.88 -31.54 -0.23
C ASP C 38 -24.35 -30.36 -0.96
N TYR C 39 -24.04 -29.37 -0.16
CA TYR C 39 -23.48 -28.19 -0.73
C TYR C 39 -22.21 -28.15 0.03
N TYR C 40 -21.11 -28.09 -0.73
CA TYR C 40 -19.82 -27.88 -0.11
C TYR C 40 -19.54 -26.46 -0.55
N THR C 41 -19.15 -25.66 0.43
CA THR C 41 -18.85 -24.24 0.33
C THR C 41 -17.84 -23.67 -0.68
N CYS C 42 -16.61 -24.10 -0.62
CA CYS C 42 -15.48 -23.54 -1.36
C CYS C 42 -15.14 -22.25 -0.62
N TYR C 43 -16.03 -21.37 -0.10
CA TYR C 43 -15.62 -20.20 0.68
C TYR C 43 -14.55 -20.42 1.74
N LEU C 44 -14.60 -21.38 2.66
CA LEU C 44 -13.50 -21.52 3.63
C LEU C 44 -12.66 -22.78 3.35
N SER C 45 -12.64 -23.34 2.11
CA SER C 45 -11.97 -24.64 1.87
C SER C 45 -10.48 -24.63 1.83
N ASN C 46 -9.89 -23.50 1.46
CA ASN C 46 -8.46 -23.33 1.52
C ASN C 46 -8.02 -23.64 2.92
N GLU C 47 -8.88 -23.44 3.93
CA GLU C 47 -8.50 -23.76 5.30
C GLU C 47 -8.42 -25.27 5.48
N VAL C 48 -9.22 -26.03 4.73
CA VAL C 48 -9.20 -27.49 4.67
C VAL C 48 -7.87 -27.90 4.01
N ILE C 49 -7.53 -27.35 2.85
CA ILE C 49 -6.23 -27.59 2.22
C ILE C 49 -5.05 -27.13 3.08
N GLY C 50 -5.17 -26.20 4.02
CA GLY C 50 -4.06 -25.93 4.92
C GLY C 50 -4.04 -26.91 6.09
N GLY C 51 -5.18 -27.52 6.30
CA GLY C 51 -5.26 -28.54 7.29
C GLY C 51 -5.88 -28.12 8.59
N ASP C 52 -6.68 -27.05 8.73
CA ASP C 52 -7.25 -26.82 10.05
C ASP C 52 -8.71 -27.16 9.98
N ARG C 53 -9.30 -27.07 8.80
CA ARG C 53 -10.70 -27.43 8.74
C ARG C 53 -10.89 -28.83 8.26
N LYS C 54 -11.74 -29.55 8.99
CA LYS C 54 -12.17 -30.85 8.54
C LYS C 54 -13.06 -30.56 7.35
N LEU C 55 -12.93 -31.08 6.14
CA LEU C 55 -13.85 -30.93 4.99
C LEU C 55 -15.32 -31.03 5.35
N GLU C 56 -15.62 -31.69 6.45
CA GLU C 56 -16.94 -31.84 6.98
C GLU C 56 -17.58 -30.47 7.24
N SER C 57 -16.94 -29.53 7.96
CA SER C 57 -17.34 -28.15 8.22
C SER C 57 -17.91 -27.37 7.04
N ILE C 58 -17.42 -27.77 5.87
CA ILE C 58 -17.73 -27.13 4.63
C ILE C 58 -19.06 -27.63 4.09
N LYS C 59 -19.65 -28.60 4.75
CA LYS C 59 -20.79 -29.29 4.17
C LYS C 59 -22.08 -28.95 4.84
N HIS C 60 -23.02 -28.59 3.99
CA HIS C 60 -24.34 -28.15 4.40
C HIS C 60 -25.40 -28.83 3.55
N GLY C 61 -26.41 -29.36 4.24
CA GLY C 61 -27.56 -30.05 3.64
C GLY C 61 -28.73 -29.11 3.31
N TYR C 62 -29.86 -29.63 2.81
CA TYR C 62 -30.97 -28.80 2.40
C TYR C 62 -32.17 -29.04 3.27
N ASP C 63 -31.97 -29.40 4.55
CA ASP C 63 -33.11 -29.55 5.45
C ASP C 63 -33.78 -28.22 5.83
N GLY C 64 -33.05 -27.20 6.32
CA GLY C 64 -33.60 -25.93 6.73
C GLY C 64 -34.45 -25.34 5.61
N LEU C 65 -33.91 -25.33 4.41
CA LEU C 65 -34.64 -24.80 3.28
C LEU C 65 -35.94 -25.55 3.09
N ARG C 66 -35.99 -26.82 3.42
CA ARG C 66 -37.19 -27.58 3.24
C ARG C 66 -38.15 -27.24 4.34
N ALA C 67 -37.58 -26.92 5.50
CA ALA C 67 -38.38 -26.49 6.62
C ALA C 67 -39.12 -25.19 6.29
N HIS C 68 -38.65 -24.23 5.50
CA HIS C 68 -39.50 -23.12 5.05
C HIS C 68 -40.55 -23.62 4.06
N GLY C 69 -40.76 -24.90 3.75
CA GLY C 69 -41.77 -25.36 2.78
C GLY C 69 -41.44 -25.17 1.32
N ILE C 70 -40.15 -25.22 1.00
CA ILE C 70 -39.73 -25.11 -0.40
C ILE C 70 -39.51 -26.57 -0.83
N GLN C 71 -39.81 -27.01 -2.07
CA GLN C 71 -39.48 -28.39 -2.35
C GLN C 71 -38.25 -28.55 -3.23
N VAL C 72 -37.25 -29.25 -2.69
CA VAL C 72 -36.05 -29.52 -3.45
C VAL C 72 -36.22 -30.82 -4.23
N VAL C 73 -36.01 -30.64 -5.50
CA VAL C 73 -36.09 -31.67 -6.49
C VAL C 73 -34.59 -31.87 -6.62
N HIS C 74 -34.04 -33.01 -6.20
CA HIS C 74 -32.62 -33.26 -6.39
C HIS C 74 -32.43 -33.95 -7.74
N ASP C 75 -32.56 -33.11 -8.75
CA ASP C 75 -32.42 -33.47 -10.17
C ASP C 75 -31.56 -32.41 -10.86
N SER C 76 -31.75 -32.21 -12.15
CA SER C 76 -30.94 -31.21 -12.87
C SER C 76 -31.65 -30.61 -14.06
N ALA C 77 -31.58 -29.28 -14.11
CA ALA C 77 -32.12 -28.54 -15.23
C ALA C 77 -31.35 -28.96 -16.47
N THR C 78 -32.08 -29.18 -17.51
CA THR C 78 -31.52 -29.62 -18.78
C THR C 78 -32.08 -28.74 -19.86
N GLY C 79 -33.20 -28.20 -19.51
CA GLY C 79 -33.96 -27.35 -20.37
C GLY C 79 -34.76 -26.33 -19.60
N ILE C 80 -34.50 -25.19 -20.10
CA ILE C 80 -35.12 -23.93 -19.84
C ILE C 80 -34.94 -23.36 -21.21
N ASP C 81 -35.57 -22.32 -21.49
CA ASP C 81 -35.54 -21.78 -22.84
C ASP C 81 -36.92 -21.24 -23.04
N PRO C 82 -37.91 -22.12 -23.22
CA PRO C 82 -39.25 -21.68 -23.22
C PRO C 82 -39.47 -20.94 -21.96
N ASP C 83 -39.14 -19.71 -22.14
CA ASP C 83 -39.37 -18.66 -21.21
C ASP C 83 -40.84 -18.79 -20.88
N LYS C 84 -41.41 -19.64 -21.73
CA LYS C 84 -42.83 -19.97 -21.77
C LYS C 84 -43.25 -20.98 -20.68
N LYS C 85 -42.69 -20.79 -19.49
CA LYS C 85 -43.13 -21.54 -18.28
C LYS C 85 -42.48 -22.92 -18.04
N LEU C 86 -41.58 -23.38 -18.88
CA LEU C 86 -41.05 -24.76 -18.70
C LEU C 86 -39.56 -24.86 -18.32
N VAL C 87 -39.35 -25.47 -17.15
CA VAL C 87 -38.02 -25.88 -16.66
C VAL C 87 -38.00 -27.38 -16.87
N LYS C 88 -37.43 -27.67 -18.02
CA LYS C 88 -37.29 -29.02 -18.51
C LYS C 88 -36.07 -29.57 -17.79
N THR C 89 -36.33 -30.65 -17.09
CA THR C 89 -35.38 -31.19 -16.18
C THR C 89 -34.91 -32.53 -16.73
N ALA C 90 -33.59 -32.71 -16.78
CA ALA C 90 -33.02 -33.97 -17.20
C ALA C 90 -33.55 -34.96 -16.18
N GLY C 91 -33.81 -36.22 -16.55
CA GLY C 91 -34.38 -37.17 -15.61
C GLY C 91 -35.91 -37.23 -15.70
N GLY C 92 -36.50 -36.55 -16.70
CA GLY C 92 -37.90 -36.68 -16.95
C GLY C 92 -38.73 -35.41 -16.85
N ALA C 93 -38.91 -34.96 -15.59
CA ALA C 93 -39.77 -33.85 -15.17
C ALA C 93 -39.72 -32.54 -15.88
N GLU C 94 -40.90 -31.95 -15.95
CA GLU C 94 -41.04 -30.66 -16.55
C GLU C 94 -41.74 -29.89 -15.45
N PHE C 95 -41.35 -28.65 -15.17
CA PHE C 95 -41.99 -27.84 -14.13
C PHE C 95 -42.43 -26.47 -14.62
N GLY C 96 -43.65 -26.08 -14.33
CA GLY C 96 -44.11 -24.75 -14.70
C GLY C 96 -43.62 -23.64 -13.77
N TYR C 97 -43.45 -22.44 -14.32
CA TYR C 97 -43.08 -21.29 -13.50
C TYR C 97 -43.77 -20.01 -13.98
N ASP C 98 -43.94 -19.06 -13.06
CA ASP C 98 -44.42 -17.75 -13.45
C ASP C 98 -43.16 -16.88 -13.59
N ARG C 99 -42.21 -17.06 -12.69
CA ARG C 99 -40.91 -16.42 -12.77
C ARG C 99 -39.88 -17.44 -12.38
N CYS C 100 -38.63 -17.32 -12.85
CA CYS C 100 -37.63 -18.34 -12.56
C CYS C 100 -36.33 -17.68 -12.21
N VAL C 101 -35.63 -18.27 -11.26
CA VAL C 101 -34.32 -17.79 -10.82
C VAL C 101 -33.30 -18.87 -11.22
N VAL C 102 -32.35 -18.53 -12.06
CA VAL C 102 -31.34 -19.44 -12.58
C VAL C 102 -30.10 -19.04 -11.80
N ALA C 103 -29.49 -19.88 -10.98
CA ALA C 103 -28.29 -19.50 -10.27
C ALA C 103 -27.24 -20.58 -10.36
N PRO C 104 -26.55 -20.83 -11.49
CA PRO C 104 -25.85 -22.07 -11.69
C PRO C 104 -24.35 -22.15 -11.55
N GLY C 105 -23.70 -21.13 -11.03
CA GLY C 105 -22.27 -21.17 -10.75
C GLY C 105 -21.51 -20.92 -12.01
N ILE C 106 -20.28 -21.43 -12.04
CA ILE C 106 -19.42 -21.30 -13.19
C ILE C 106 -19.26 -22.65 -13.90
N GLU C 107 -19.06 -22.70 -15.23
CA GLU C 107 -18.69 -23.93 -15.92
C GLU C 107 -17.19 -23.77 -16.07
N LEU C 108 -16.32 -24.47 -15.37
CA LEU C 108 -14.90 -24.33 -15.64
C LEU C 108 -14.50 -24.82 -17.04
N ILE C 109 -14.07 -23.90 -17.93
CA ILE C 109 -13.71 -24.24 -19.31
C ILE C 109 -12.33 -24.92 -19.33
N TYR C 110 -12.43 -26.23 -19.16
CA TYR C 110 -11.33 -27.17 -19.15
C TYR C 110 -10.38 -27.04 -20.29
N ASP C 111 -10.93 -27.21 -21.47
CA ASP C 111 -10.15 -27.21 -22.68
C ASP C 111 -9.84 -25.83 -23.23
N LYS C 112 -9.18 -25.06 -22.37
CA LYS C 112 -8.65 -23.74 -22.67
C LYS C 112 -7.20 -23.97 -22.31
N ILE C 113 -6.88 -24.83 -21.36
CA ILE C 113 -5.51 -25.25 -21.16
C ILE C 113 -5.52 -26.63 -21.85
N GLU C 114 -4.63 -26.74 -22.84
CA GLU C 114 -4.47 -27.91 -23.67
C GLU C 114 -3.67 -28.89 -22.88
N GLY C 115 -4.22 -30.09 -22.90
CA GLY C 115 -3.63 -31.15 -22.12
C GLY C 115 -4.44 -31.30 -20.84
N TYR C 116 -5.70 -30.84 -20.89
CA TYR C 116 -6.54 -30.80 -19.69
C TYR C 116 -7.97 -31.04 -20.10
N SER C 117 -8.71 -31.63 -19.18
CA SER C 117 -10.15 -31.69 -19.25
C SER C 117 -10.71 -32.38 -18.00
N GLU C 118 -12.03 -32.66 -17.92
CA GLU C 118 -12.68 -33.19 -16.74
C GLU C 118 -12.09 -34.40 -16.13
N GLU C 119 -11.60 -35.38 -16.86
CA GLU C 119 -11.07 -36.55 -16.24
C GLU C 119 -9.69 -36.27 -15.71
N ALA C 120 -8.84 -35.50 -16.39
CA ALA C 120 -7.54 -35.10 -15.79
C ALA C 120 -7.67 -34.35 -14.45
N ALA C 121 -8.75 -33.54 -14.31
CA ALA C 121 -9.04 -32.80 -13.07
C ALA C 121 -9.01 -33.65 -11.83
N ALA C 122 -9.04 -34.99 -11.92
CA ALA C 122 -8.90 -35.82 -10.75
C ALA C 122 -7.47 -35.83 -10.27
N LYS C 123 -6.43 -35.71 -11.10
CA LYS C 123 -5.06 -35.70 -10.57
C LYS C 123 -4.34 -34.34 -10.64
N LEU C 124 -4.86 -33.50 -11.50
CA LEU C 124 -4.40 -32.15 -11.57
C LEU C 124 -5.68 -31.38 -11.16
N PRO C 125 -6.02 -31.18 -9.86
CA PRO C 125 -7.29 -30.63 -9.46
C PRO C 125 -7.42 -29.13 -9.61
N HIS C 126 -8.61 -28.63 -9.92
CA HIS C 126 -8.89 -27.20 -9.87
C HIS C 126 -9.58 -27.29 -8.52
N ALA C 127 -9.28 -26.93 -7.27
CA ALA C 127 -10.31 -27.23 -6.26
C ALA C 127 -11.21 -26.01 -6.04
N TRP C 128 -11.74 -25.57 -7.19
CA TRP C 128 -12.46 -24.32 -7.41
C TRP C 128 -13.95 -24.50 -7.54
N LYS C 129 -14.45 -25.44 -6.76
CA LYS C 129 -15.87 -25.73 -6.81
C LYS C 129 -16.35 -26.40 -5.53
N ALA C 130 -15.64 -27.40 -5.02
CA ALA C 130 -16.33 -28.11 -3.95
C ALA C 130 -15.38 -28.88 -3.03
N GLY C 131 -16.02 -29.76 -2.26
CA GLY C 131 -15.35 -30.57 -1.21
C GLY C 131 -14.62 -31.79 -1.77
N GLU C 132 -15.34 -32.59 -2.53
CA GLU C 132 -14.78 -33.82 -3.11
C GLU C 132 -13.39 -33.55 -3.72
N GLN C 133 -13.30 -32.44 -4.44
CA GLN C 133 -12.05 -32.03 -5.12
C GLN C 133 -11.06 -31.42 -4.13
N THR C 134 -11.58 -30.66 -3.18
CA THR C 134 -10.73 -30.03 -2.16
C THR C 134 -10.04 -31.13 -1.33
N ALA C 135 -10.73 -32.25 -1.27
CA ALA C 135 -10.26 -33.43 -0.55
C ALA C 135 -9.05 -34.02 -1.28
N ILE C 136 -9.18 -34.04 -2.60
CA ILE C 136 -8.13 -34.57 -3.49
C ILE C 136 -6.83 -33.78 -3.31
N LEU C 137 -6.96 -32.46 -3.43
CA LEU C 137 -5.82 -31.55 -3.31
C LEU C 137 -5.18 -31.69 -1.92
N ARG C 138 -6.04 -31.86 -0.93
CA ARG C 138 -5.61 -32.06 0.46
C ARG C 138 -4.66 -33.25 0.51
N LYS C 139 -5.21 -34.35 0.07
CA LYS C 139 -4.52 -35.66 -0.03
C LYS C 139 -3.18 -35.49 -0.73
N GLN C 140 -3.29 -34.99 -1.94
CA GLN C 140 -2.16 -34.74 -2.85
C GLN C 140 -1.04 -33.95 -2.16
N LEU C 141 -1.44 -33.14 -1.19
CA LEU C 141 -0.51 -32.28 -0.45
C LEU C 141 0.04 -32.99 0.79
N GLU C 142 -0.79 -33.87 1.34
CA GLU C 142 -0.42 -34.65 2.52
C GLU C 142 0.69 -35.63 2.12
N ASP C 143 0.47 -36.30 0.99
CA ASP C 143 1.44 -37.25 0.42
C ASP C 143 2.18 -36.72 -0.79
N MET C 144 3.09 -35.87 -0.53
CA MET C 144 4.01 -35.36 -1.52
C MET C 144 5.32 -35.42 -0.80
N ALA C 145 6.41 -35.29 -1.50
CA ALA C 145 7.72 -35.35 -0.84
C ALA C 145 8.22 -33.94 -0.53
N ASP C 146 8.90 -33.83 0.61
CA ASP C 146 9.47 -32.55 1.04
C ASP C 146 10.44 -32.05 -0.03
N GLY C 147 10.39 -30.75 -0.25
CA GLY C 147 11.19 -30.07 -1.27
C GLY C 147 10.38 -30.00 -2.55
N GLY C 148 9.27 -30.71 -2.50
CA GLY C 148 8.31 -30.80 -3.60
C GLY C 148 7.71 -29.42 -3.86
N THR C 149 7.56 -29.16 -5.13
CA THR C 149 6.99 -27.91 -5.62
C THR C 149 5.52 -28.09 -5.93
N VAL C 150 4.75 -27.16 -5.41
CA VAL C 150 3.32 -27.04 -5.69
C VAL C 150 3.23 -25.88 -6.65
N VAL C 151 2.48 -25.86 -7.76
CA VAL C 151 2.34 -24.62 -8.48
C VAL C 151 0.85 -24.40 -8.53
N ILE C 152 0.33 -23.20 -8.22
CA ILE C 152 -1.09 -23.03 -8.34
C ILE C 152 -1.13 -22.06 -9.52
N ALA C 153 -2.08 -22.17 -10.44
CA ALA C 153 -2.06 -21.36 -11.64
C ALA C 153 -3.36 -20.64 -11.95
N PRO C 154 -3.42 -19.34 -11.63
CA PRO C 154 -4.66 -18.63 -11.75
C PRO C 154 -4.93 -18.31 -13.19
N PRO C 155 -6.18 -18.36 -13.63
CA PRO C 155 -6.64 -17.86 -14.91
C PRO C 155 -6.66 -16.33 -14.97
N ALA C 156 -7.42 -15.78 -15.92
CA ALA C 156 -7.38 -14.38 -16.20
C ALA C 156 -8.76 -13.84 -16.13
N ALA C 157 -8.76 -12.51 -15.97
CA ALA C 157 -9.92 -11.65 -16.13
C ALA C 157 -11.10 -12.12 -15.32
N PRO C 158 -12.38 -12.41 -15.65
CA PRO C 158 -13.38 -12.73 -14.67
C PRO C 158 -13.37 -14.15 -14.15
N PHE C 159 -13.32 -14.35 -12.84
CA PHE C 159 -13.47 -15.64 -12.27
C PHE C 159 -14.00 -15.56 -10.84
N ARG C 160 -14.42 -16.70 -10.31
CA ARG C 160 -14.91 -16.80 -8.96
C ARG C 160 -13.83 -16.43 -7.93
N CYS C 161 -14.24 -15.48 -7.04
CA CYS C 161 -13.50 -14.73 -5.99
C CYS C 161 -11.99 -14.63 -6.11
N PRO C 162 -11.59 -13.56 -6.84
CA PRO C 162 -10.23 -13.23 -7.21
C PRO C 162 -9.12 -13.33 -6.19
N PRO C 163 -9.20 -12.94 -4.92
CA PRO C 163 -8.09 -13.19 -4.02
C PRO C 163 -7.99 -14.64 -3.60
N GLY C 164 -8.84 -15.55 -4.12
CA GLY C 164 -8.86 -16.96 -3.77
C GLY C 164 -7.55 -17.71 -4.03
N PRO C 165 -6.95 -17.60 -5.21
CA PRO C 165 -5.72 -18.27 -5.49
C PRO C 165 -4.62 -17.94 -4.51
N TYR C 166 -4.68 -16.68 -4.06
CA TYR C 166 -3.57 -16.11 -3.36
C TYR C 166 -3.73 -16.35 -1.89
N GLU C 167 -4.94 -16.74 -1.52
CA GLU C 167 -5.19 -17.23 -0.16
C GLU C 167 -4.84 -18.72 -0.16
N ARG C 168 -5.10 -19.44 -1.26
CA ARG C 168 -4.67 -20.83 -1.40
C ARG C 168 -3.17 -20.80 -1.20
N ALA C 169 -2.41 -20.01 -1.96
CA ALA C 169 -0.95 -19.94 -1.77
C ALA C 169 -0.55 -19.66 -0.34
N SER C 170 -1.33 -18.91 0.45
CA SER C 170 -0.91 -18.60 1.79
C SER C 170 -1.19 -19.81 2.66
N GLN C 171 -2.35 -20.44 2.48
CA GLN C 171 -2.73 -21.58 3.31
C GLN C 171 -1.78 -22.73 3.07
N VAL C 172 -1.60 -23.07 1.80
CA VAL C 172 -0.68 -24.12 1.39
C VAL C 172 0.69 -23.80 1.93
N ALA C 173 1.22 -22.56 1.80
CA ALA C 173 2.53 -22.20 2.34
C ALA C 173 2.58 -22.22 3.86
N TYR C 174 1.42 -22.08 4.48
CA TYR C 174 1.26 -22.29 5.91
C TYR C 174 1.39 -23.78 6.20
N TYR C 175 0.78 -24.68 5.39
CA TYR C 175 0.94 -26.10 5.64
C TYR C 175 2.41 -26.48 5.39
N LEU C 176 2.98 -26.02 4.29
CA LEU C 176 4.34 -26.29 3.92
C LEU C 176 5.34 -25.90 4.99
N LYS C 177 5.23 -24.76 5.63
CA LYS C 177 6.23 -24.37 6.61
C LYS C 177 6.25 -25.36 7.76
N ALA C 178 5.16 -26.12 7.94
CA ALA C 178 5.08 -27.13 8.99
C ALA C 178 5.04 -28.58 8.52
N HIS C 179 4.82 -28.86 7.22
CA HIS C 179 4.89 -30.21 6.66
C HIS C 179 6.38 -30.41 6.77
N LYS C 180 7.04 -29.65 5.93
CA LYS C 180 8.46 -29.54 6.01
C LYS C 180 8.73 -28.45 5.02
N PRO C 181 9.51 -27.48 5.51
CA PRO C 181 9.60 -26.16 4.93
C PRO C 181 10.52 -26.10 3.75
N MET C 182 10.93 -27.23 3.20
CA MET C 182 11.93 -27.16 2.17
C MET C 182 11.24 -27.16 0.84
N SER C 183 9.95 -26.92 0.78
CA SER C 183 9.22 -27.02 -0.47
C SER C 183 8.77 -25.61 -0.88
N LYS C 184 8.04 -25.35 -1.97
CA LYS C 184 7.63 -24.03 -2.29
C LYS C 184 6.40 -24.01 -3.17
N VAL C 185 5.69 -22.89 -3.19
CA VAL C 185 4.49 -22.73 -3.98
C VAL C 185 4.99 -21.80 -5.07
N ILE C 186 4.60 -22.01 -6.31
CA ILE C 186 4.98 -21.16 -7.45
C ILE C 186 3.64 -20.81 -8.07
N ILE C 187 3.31 -19.57 -8.34
CA ILE C 187 2.06 -19.28 -8.95
C ILE C 187 2.43 -18.66 -10.27
N LEU C 188 1.77 -19.16 -11.31
CA LEU C 188 2.04 -18.76 -12.65
C LEU C 188 0.75 -18.09 -12.98
N ASP C 189 0.78 -16.77 -13.04
CA ASP C 189 -0.42 -15.98 -13.16
C ASP C 189 -0.66 -15.53 -14.54
N SER C 190 -1.91 -15.29 -14.86
CA SER C 190 -2.23 -14.69 -16.12
C SER C 190 -2.21 -13.16 -16.02
N SER C 191 -2.00 -12.52 -14.85
CA SER C 191 -2.13 -11.07 -14.73
C SER C 191 -0.94 -10.41 -14.11
N GLN C 192 -0.63 -9.17 -14.51
CA GLN C 192 0.51 -8.47 -13.90
C GLN C 192 0.23 -8.01 -12.47
N THR C 193 -1.04 -7.71 -12.23
CA THR C 193 -1.53 -7.13 -11.00
C THR C 193 -2.54 -8.09 -10.35
N PHE C 194 -2.61 -8.28 -9.03
CA PHE C 194 -3.67 -9.08 -8.46
C PHE C 194 -4.39 -8.55 -7.18
N SER C 195 -5.64 -8.89 -6.82
CA SER C 195 -6.30 -8.42 -5.61
C SER C 195 -5.49 -8.59 -4.37
N LYS C 196 -5.58 -7.47 -3.61
CA LYS C 196 -4.85 -7.16 -2.38
C LYS C 196 -3.44 -7.68 -2.27
N GLN C 197 -2.84 -7.32 -3.41
CA GLN C 197 -1.48 -7.64 -3.72
C GLN C 197 -0.56 -7.16 -2.64
N SER C 198 -0.49 -5.84 -2.38
CA SER C 198 0.36 -5.24 -1.37
C SER C 198 0.28 -5.89 0.00
N GLN C 199 -0.96 -6.27 0.34
CA GLN C 199 -1.23 -6.89 1.61
C GLN C 199 -0.92 -8.38 1.62
N PHE C 200 -1.03 -9.01 0.47
CA PHE C 200 -0.60 -10.38 0.36
C PHE C 200 0.91 -10.34 0.41
N SER C 201 1.60 -9.44 -0.30
CA SER C 201 3.03 -9.49 -0.32
C SER C 201 3.61 -9.31 1.06
N LYS C 202 3.01 -8.33 1.77
CA LYS C 202 3.44 -7.96 3.11
C LYS C 202 3.23 -9.11 4.07
N GLY C 203 2.05 -9.71 3.99
CA GLY C 203 1.75 -10.89 4.75
C GLY C 203 2.75 -11.99 4.44
N TRP C 204 3.20 -12.12 3.19
CA TRP C 204 4.13 -13.18 2.81
C TRP C 204 5.55 -12.89 3.20
N GLU C 205 5.97 -11.61 3.22
CA GLU C 205 7.30 -11.21 3.67
C GLU C 205 7.32 -11.47 5.16
N ARG C 206 6.22 -11.17 5.85
CA ARG C 206 6.10 -11.37 7.28
C ARG C 206 6.05 -12.85 7.68
N LEU C 207 5.19 -13.62 7.02
CA LEU C 207 5.01 -15.02 7.34
C LEU C 207 5.87 -16.05 6.64
N TYR C 208 6.06 -15.96 5.31
CA TYR C 208 6.69 -17.04 4.54
C TYR C 208 7.90 -16.61 3.69
N GLY C 209 8.66 -15.63 4.22
CA GLY C 209 9.94 -15.16 3.66
C GLY C 209 10.02 -14.74 2.20
N PHE C 210 8.92 -14.27 1.64
CA PHE C 210 8.80 -13.85 0.25
C PHE C 210 9.87 -13.04 -0.46
N GLY C 211 10.09 -11.81 0.03
CA GLY C 211 10.99 -10.87 -0.62
C GLY C 211 12.42 -11.36 -0.68
N THR C 212 12.80 -12.19 0.28
CA THR C 212 14.13 -12.72 0.27
C THR C 212 14.10 -13.97 -0.58
N GLU C 213 15.28 -14.53 -0.65
CA GLU C 213 15.48 -15.69 -1.47
C GLU C 213 15.59 -16.83 -0.45
N ASN C 214 14.41 -17.01 0.10
CA ASN C 214 14.06 -18.08 1.02
C ASN C 214 12.52 -18.26 0.94
N ALA C 215 11.97 -17.57 -0.06
CA ALA C 215 10.57 -17.50 -0.36
C ALA C 215 9.97 -18.88 -0.57
N MET C 216 9.00 -19.20 0.25
CA MET C 216 8.21 -20.41 0.11
C MET C 216 7.11 -20.15 -0.91
N ILE C 217 7.02 -18.95 -1.48
CA ILE C 217 5.96 -18.54 -2.38
C ILE C 217 6.76 -17.75 -3.36
N GLU C 218 6.36 -17.85 -4.61
CA GLU C 218 7.03 -17.24 -5.71
C GLU C 218 5.89 -16.84 -6.64
N TRP C 219 5.76 -15.66 -7.25
CA TRP C 219 4.61 -15.36 -8.06
C TRP C 219 5.19 -14.84 -9.36
N HIS C 220 4.59 -15.19 -10.50
CA HIS C 220 5.15 -14.89 -11.78
C HIS C 220 3.99 -14.33 -12.51
N PRO C 221 4.10 -13.16 -13.06
CA PRO C 221 3.04 -12.49 -13.73
C PRO C 221 2.64 -12.82 -15.15
N GLY C 222 1.43 -12.39 -15.39
CA GLY C 222 0.91 -12.48 -16.71
C GLY C 222 1.49 -11.34 -17.53
N PRO C 223 1.28 -11.34 -18.83
CA PRO C 223 0.61 -12.43 -19.54
C PRO C 223 1.52 -13.66 -19.78
N ASP C 224 2.83 -13.44 -19.96
CA ASP C 224 3.82 -14.46 -20.17
C ASP C 224 3.74 -15.65 -19.23
N SER C 225 3.36 -15.55 -17.96
CA SER C 225 3.40 -16.75 -17.17
C SER C 225 2.08 -17.46 -17.21
N ALA C 226 1.18 -17.04 -18.09
CA ALA C 226 -0.15 -17.58 -18.13
C ALA C 226 0.08 -18.98 -18.57
N VAL C 227 -0.04 -19.89 -17.63
CA VAL C 227 0.16 -21.32 -17.85
C VAL C 227 -1.03 -21.81 -18.58
N VAL C 228 -1.33 -21.21 -19.71
CA VAL C 228 -2.40 -21.75 -20.45
C VAL C 228 -1.81 -22.34 -21.73
N LYS C 229 -2.80 -23.14 -22.08
CA LYS C 229 -2.83 -23.96 -23.21
C LYS C 229 -1.73 -24.97 -23.09
N VAL C 230 -1.13 -25.36 -21.94
CA VAL C 230 -0.42 -26.65 -21.96
C VAL C 230 -0.03 -27.09 -20.57
N ASP C 231 -0.45 -28.34 -20.40
CA ASP C 231 -0.09 -29.13 -19.22
C ASP C 231 0.07 -30.62 -19.66
N GLY C 232 0.81 -31.50 -18.93
CA GLY C 232 0.84 -32.95 -19.19
C GLY C 232 1.09 -33.86 -17.95
N GLY C 233 0.38 -34.98 -17.60
CA GLY C 233 0.87 -36.04 -16.67
C GLY C 233 2.38 -36.56 -16.80
N GLU C 234 3.36 -35.73 -17.28
CA GLU C 234 4.78 -35.88 -16.87
C GLU C 234 4.98 -35.07 -15.54
N MET C 235 3.91 -34.32 -15.12
CA MET C 235 3.78 -33.41 -13.96
C MET C 235 4.59 -32.17 -14.27
N MET C 236 4.09 -31.49 -15.28
CA MET C 236 4.87 -30.45 -15.87
C MET C 236 3.91 -29.57 -16.61
N VAL C 237 4.15 -28.27 -16.63
CA VAL C 237 3.19 -27.38 -17.23
C VAL C 237 3.91 -26.37 -18.13
N GLU C 238 3.22 -25.57 -18.93
CA GLU C 238 3.86 -24.66 -19.85
C GLU C 238 3.07 -23.36 -20.00
N THR C 239 3.85 -22.31 -19.75
CA THR C 239 3.39 -20.93 -19.65
C THR C 239 3.31 -20.35 -21.04
N ALA C 240 2.53 -19.32 -21.34
CA ALA C 240 2.36 -18.78 -22.65
C ALA C 240 3.64 -18.25 -23.26
N PHE C 241 4.75 -18.30 -22.52
CA PHE C 241 6.05 -17.90 -23.00
C PHE C 241 6.92 -19.14 -22.97
N GLY C 242 6.37 -20.30 -23.23
CA GLY C 242 7.11 -21.53 -23.41
C GLY C 242 7.91 -22.03 -22.23
N ASP C 243 7.84 -21.42 -21.08
CA ASP C 243 8.62 -21.91 -19.98
C ASP C 243 7.94 -23.16 -19.53
N GLU C 244 8.75 -24.14 -19.27
CA GLU C 244 8.21 -25.38 -18.78
C GLU C 244 8.66 -25.45 -17.34
N PHE C 245 7.76 -25.91 -16.47
CA PHE C 245 8.06 -26.04 -15.04
C PHE C 245 7.69 -27.46 -14.68
N LYS C 246 8.50 -28.16 -13.92
CA LYS C 246 8.11 -29.49 -13.47
C LYS C 246 7.61 -29.23 -12.06
N ALA C 247 6.58 -29.93 -11.62
CA ALA C 247 6.00 -29.67 -10.32
C ALA C 247 5.48 -30.96 -9.71
N ASP C 248 5.51 -31.09 -8.39
CA ASP C 248 4.98 -32.27 -7.75
C ASP C 248 3.46 -32.22 -7.60
N VAL C 249 2.81 -31.05 -7.51
CA VAL C 249 1.35 -30.91 -7.31
C VAL C 249 1.00 -29.75 -8.22
N ILE C 250 0.16 -29.82 -9.23
CA ILE C 250 -0.13 -28.61 -9.96
C ILE C 250 -1.65 -28.43 -9.80
N ASN C 251 -2.03 -27.22 -9.54
CA ASN C 251 -3.44 -26.86 -9.33
C ASN C 251 -3.81 -25.83 -10.40
N LEU C 252 -4.57 -26.30 -11.36
CA LEU C 252 -4.98 -25.50 -12.53
C LEU C 252 -6.41 -24.98 -12.38
N ILE C 253 -6.50 -23.67 -12.31
CA ILE C 253 -7.79 -22.99 -12.24
C ILE C 253 -8.11 -22.50 -13.66
N PRO C 254 -8.85 -23.31 -14.45
CA PRO C 254 -9.14 -22.99 -15.84
C PRO C 254 -9.98 -21.75 -15.99
N PRO C 255 -9.99 -21.11 -17.18
CA PRO C 255 -10.87 -19.98 -17.41
C PRO C 255 -12.28 -20.44 -17.14
N GLN C 256 -13.14 -19.50 -16.78
CA GLN C 256 -14.53 -19.84 -16.39
C GLN C 256 -15.57 -18.95 -17.09
N ARG C 257 -16.81 -19.39 -16.96
CA ARG C 257 -18.01 -18.71 -17.52
C ARG C 257 -19.27 -19.26 -16.84
N ALA C 258 -20.41 -18.77 -17.31
CA ALA C 258 -21.74 -19.14 -16.74
C ALA C 258 -22.02 -20.64 -16.90
N GLY C 259 -22.41 -21.25 -15.80
CA GLY C 259 -22.74 -22.69 -15.75
C GLY C 259 -23.55 -23.09 -16.99
N LYS C 260 -23.17 -24.21 -17.55
CA LYS C 260 -23.75 -24.80 -18.78
C LYS C 260 -25.20 -24.34 -19.08
N ILE C 261 -26.14 -24.63 -18.17
CA ILE C 261 -27.60 -24.36 -18.40
C ILE C 261 -27.89 -22.92 -18.83
N ALA C 262 -27.16 -21.98 -18.25
CA ALA C 262 -27.32 -20.56 -18.61
C ALA C 262 -27.05 -20.38 -20.11
N GLN C 263 -26.02 -21.10 -20.53
CA GLN C 263 -25.56 -21.11 -21.93
C GLN C 263 -26.65 -21.70 -22.83
N ILE C 264 -27.11 -22.87 -22.42
CA ILE C 264 -28.13 -23.64 -23.15
C ILE C 264 -29.44 -22.84 -23.31
N ALA C 265 -29.77 -22.13 -22.25
CA ALA C 265 -31.07 -21.39 -22.11
C ALA C 265 -31.18 -20.12 -22.98
N GLY C 266 -30.05 -19.60 -23.44
CA GLY C 266 -30.03 -18.37 -24.28
C GLY C 266 -29.58 -17.17 -23.43
N LEU C 267 -29.69 -17.39 -22.13
CA LEU C 267 -29.35 -16.43 -21.05
C LEU C 267 -27.86 -16.04 -20.99
N THR C 268 -27.17 -16.10 -22.10
CA THR C 268 -25.71 -15.77 -22.15
C THR C 268 -25.50 -14.77 -23.26
N ASN C 269 -24.67 -13.78 -22.95
CA ASN C 269 -24.28 -12.83 -23.98
C ASN C 269 -23.02 -13.48 -24.57
N ASP C 270 -22.53 -12.98 -25.72
CA ASP C 270 -21.32 -13.43 -26.39
C ASP C 270 -20.33 -14.14 -25.49
N ALA C 271 -19.74 -13.47 -24.50
CA ALA C 271 -18.79 -14.07 -23.57
C ALA C 271 -19.28 -15.12 -22.54
N GLY C 272 -20.47 -15.68 -22.71
CA GLY C 272 -21.02 -16.70 -21.85
C GLY C 272 -21.00 -16.35 -20.38
N TRP C 273 -21.67 -15.21 -20.16
CA TRP C 273 -21.96 -14.61 -18.87
C TRP C 273 -23.33 -13.99 -19.10
N CYS C 274 -24.28 -14.01 -18.16
CA CYS C 274 -25.63 -13.53 -18.39
C CYS C 274 -25.91 -12.03 -18.05
N PRO C 275 -26.09 -11.09 -18.99
CA PRO C 275 -26.68 -9.77 -18.80
C PRO C 275 -27.99 -9.75 -18.05
N VAL C 276 -28.01 -8.85 -17.08
CA VAL C 276 -29.09 -8.82 -16.13
C VAL C 276 -29.45 -7.34 -15.96
N ASP C 277 -30.65 -7.09 -15.43
CA ASP C 277 -31.05 -5.76 -15.01
C ASP C 277 -30.60 -5.73 -13.56
N ILE C 278 -29.98 -4.62 -13.25
CA ILE C 278 -29.39 -4.35 -11.95
C ILE C 278 -30.38 -4.30 -10.81
N LYS C 279 -31.53 -3.75 -11.16
CA LYS C 279 -32.57 -3.47 -10.21
C LYS C 279 -33.29 -4.73 -9.75
N THR C 280 -34.00 -5.30 -10.72
CA THR C 280 -34.69 -6.58 -10.62
C THR C 280 -33.60 -7.41 -11.25
N PHE C 281 -33.03 -8.49 -10.74
CA PHE C 281 -32.05 -9.17 -11.57
C PHE C 281 -32.72 -9.97 -12.69
N GLU C 282 -33.57 -9.37 -13.52
CA GLU C 282 -34.24 -10.05 -14.61
C GLU C 282 -33.30 -10.03 -15.80
N SER C 283 -33.43 -10.93 -16.76
CA SER C 283 -32.52 -10.95 -17.89
C SER C 283 -32.89 -9.92 -18.94
N SER C 284 -31.83 -9.53 -19.62
CA SER C 284 -31.94 -8.64 -20.77
C SER C 284 -32.36 -9.49 -21.96
N ILE C 285 -32.24 -10.82 -21.89
CA ILE C 285 -32.67 -11.72 -22.96
C ILE C 285 -33.74 -12.51 -22.27
N HIS C 286 -34.99 -12.45 -22.70
CA HIS C 286 -36.07 -13.26 -22.14
C HIS C 286 -36.50 -12.82 -20.76
N LYS C 287 -37.76 -12.40 -20.70
CA LYS C 287 -38.35 -11.97 -19.45
C LYS C 287 -38.79 -13.18 -18.66
N GLY C 288 -39.17 -12.98 -17.42
CA GLY C 288 -39.67 -14.04 -16.57
C GLY C 288 -38.55 -14.73 -15.88
N ILE C 289 -37.31 -14.61 -16.33
CA ILE C 289 -36.20 -15.30 -15.70
C ILE C 289 -35.14 -14.33 -15.13
N HIS C 290 -34.57 -14.73 -13.98
CA HIS C 290 -33.65 -13.95 -13.16
C HIS C 290 -32.34 -14.64 -12.96
N VAL C 291 -31.24 -14.17 -13.52
CA VAL C 291 -29.96 -14.87 -13.39
C VAL C 291 -29.16 -14.22 -12.28
N ILE C 292 -28.73 -15.02 -11.31
CA ILE C 292 -28.02 -14.58 -10.12
C ILE C 292 -26.71 -15.32 -9.85
N GLY C 293 -25.85 -14.76 -8.98
CA GLY C 293 -24.57 -15.31 -8.60
C GLY C 293 -23.55 -15.05 -9.70
N ASP C 294 -22.50 -15.89 -9.70
CA ASP C 294 -21.41 -15.87 -10.67
C ASP C 294 -21.79 -15.79 -12.13
N ALA C 295 -22.93 -16.35 -12.43
CA ALA C 295 -23.46 -16.35 -13.75
C ALA C 295 -23.92 -14.98 -14.28
N SER C 296 -24.30 -14.07 -13.41
CA SER C 296 -24.81 -12.75 -13.85
C SER C 296 -23.68 -11.72 -14.00
N ILE C 297 -23.96 -10.73 -14.85
CA ILE C 297 -23.06 -9.59 -15.08
C ILE C 297 -23.28 -8.63 -13.91
N ALA C 298 -22.32 -8.66 -13.00
CA ALA C 298 -22.40 -7.95 -11.71
C ALA C 298 -21.84 -6.51 -11.72
N ASN C 299 -21.80 -5.84 -12.87
CA ASN C 299 -21.21 -4.46 -12.92
C ASN C 299 -19.86 -4.58 -12.27
N PRO C 300 -19.32 -3.65 -11.45
CA PRO C 300 -18.27 -4.05 -10.53
C PRO C 300 -18.96 -4.98 -9.53
N MET C 301 -18.24 -5.55 -8.58
CA MET C 301 -18.84 -6.51 -7.58
C MET C 301 -18.28 -7.91 -7.86
N PRO C 302 -17.41 -8.46 -7.01
CA PRO C 302 -16.77 -9.73 -7.29
C PRO C 302 -17.75 -10.87 -7.37
N LYS C 303 -17.33 -11.88 -8.12
CA LYS C 303 -18.07 -13.14 -8.24
C LYS C 303 -17.75 -13.96 -7.00
N SER C 304 -18.44 -13.63 -5.93
CA SER C 304 -18.18 -14.26 -4.64
C SER C 304 -19.47 -14.62 -3.90
N GLY C 305 -19.22 -15.22 -2.75
CA GLY C 305 -20.27 -15.65 -1.83
C GLY C 305 -21.17 -14.47 -1.50
N TYR C 306 -20.63 -13.55 -0.71
CA TYR C 306 -21.37 -12.37 -0.23
C TYR C 306 -22.18 -11.71 -1.36
N SER C 307 -21.58 -11.56 -2.53
CA SER C 307 -22.31 -10.92 -3.65
C SER C 307 -23.53 -11.74 -4.04
N ALA C 308 -23.34 -13.05 -4.09
CA ALA C 308 -24.40 -14.00 -4.46
C ALA C 308 -25.58 -13.84 -3.51
N ASN C 309 -25.26 -13.79 -2.24
CA ASN C 309 -26.29 -13.66 -1.20
C ASN C 309 -27.06 -12.35 -1.35
N SER C 310 -26.33 -11.25 -1.54
CA SER C 310 -26.98 -9.93 -1.68
C SER C 310 -27.87 -9.89 -2.94
N GLN C 311 -27.33 -10.33 -4.06
CA GLN C 311 -28.10 -10.34 -5.32
C GLN C 311 -29.31 -11.26 -5.19
N GLY C 312 -29.12 -12.28 -4.38
CA GLY C 312 -30.17 -13.26 -4.10
C GLY C 312 -31.36 -12.57 -3.43
N LYS C 313 -31.02 -11.79 -2.42
CA LYS C 313 -32.01 -11.08 -1.62
C LYS C 313 -32.67 -9.95 -2.42
N VAL C 314 -31.90 -9.29 -3.26
CA VAL C 314 -32.48 -8.25 -4.09
C VAL C 314 -33.52 -8.90 -5.02
N ALA C 315 -33.05 -9.85 -5.82
CA ALA C 315 -33.91 -10.55 -6.82
C ALA C 315 -35.12 -11.20 -6.13
N ALA C 316 -34.88 -11.82 -4.99
CA ALA C 316 -35.96 -12.47 -4.23
C ALA C 316 -37.10 -11.47 -4.00
N ALA C 317 -36.71 -10.25 -3.66
CA ALA C 317 -37.64 -9.14 -3.39
C ALA C 317 -38.35 -8.68 -4.67
N ALA C 318 -37.58 -8.54 -5.72
CA ALA C 318 -38.09 -8.08 -7.01
C ALA C 318 -39.10 -9.07 -7.60
N VAL C 319 -38.86 -10.35 -7.38
CA VAL C 319 -39.73 -11.40 -7.93
C VAL C 319 -41.10 -11.38 -7.22
N VAL C 320 -41.12 -11.58 -5.92
CA VAL C 320 -42.39 -11.62 -5.16
C VAL C 320 -43.24 -10.37 -5.44
N VAL C 321 -42.56 -9.26 -5.55
CA VAL C 321 -43.17 -7.95 -5.79
C VAL C 321 -43.77 -7.84 -7.21
N LEU C 322 -43.09 -8.50 -8.14
CA LEU C 322 -43.43 -8.42 -9.58
C LEU C 322 -44.64 -9.29 -9.97
N LEU C 323 -45.12 -10.12 -9.05
CA LEU C 323 -46.32 -10.98 -9.28
C LEU C 323 -47.59 -10.05 -9.35
N LYS C 324 -48.00 -9.43 -8.31
CA LYS C 324 -49.05 -8.47 -8.56
C LYS C 324 -48.36 -7.14 -8.66
N GLY C 325 -47.77 -6.97 -9.84
CA GLY C 325 -46.99 -5.76 -10.19
C GLY C 325 -47.06 -4.71 -9.09
N GLU C 326 -46.21 -4.90 -8.09
CA GLU C 326 -46.13 -4.01 -6.92
C GLU C 326 -44.70 -3.46 -6.76
N GLU C 327 -44.36 -2.59 -7.71
CA GLU C 327 -43.06 -1.87 -7.82
C GLU C 327 -41.89 -2.62 -7.15
N PRO C 328 -40.84 -2.98 -7.92
CA PRO C 328 -39.67 -3.67 -7.38
C PRO C 328 -38.97 -2.84 -6.31
N GLY C 329 -38.64 -1.60 -6.64
CA GLY C 329 -37.96 -0.68 -5.70
C GLY C 329 -36.47 -0.55 -6.03
N THR C 330 -35.80 0.31 -5.26
CA THR C 330 -34.36 0.62 -5.44
C THR C 330 -33.49 -0.16 -4.45
N PRO C 331 -32.80 -1.20 -4.94
CA PRO C 331 -31.89 -2.03 -4.14
C PRO C 331 -30.64 -1.32 -3.66
N SER C 332 -29.85 -2.15 -2.96
CA SER C 332 -28.53 -1.83 -2.38
C SER C 332 -27.81 -3.15 -2.06
N TYR C 333 -26.57 -3.27 -2.51
CA TYR C 333 -25.77 -4.50 -2.32
C TYR C 333 -24.44 -4.21 -1.61
N LEU C 334 -23.96 -5.24 -0.93
CA LEU C 334 -22.71 -5.19 -0.14
C LEU C 334 -21.88 -6.45 -0.41
N ASN C 335 -20.56 -6.32 -0.34
CA ASN C 335 -19.65 -7.46 -0.54
C ASN C 335 -18.41 -7.41 0.31
N THR C 336 -17.96 -8.53 0.89
CA THR C 336 -16.62 -8.68 1.43
C THR C 336 -16.08 -10.10 1.05
N CYS C 337 -14.80 -10.28 0.68
CA CYS C 337 -14.19 -11.56 0.36
C CYS C 337 -13.08 -11.54 1.43
N TYR C 338 -13.29 -12.08 2.63
CA TYR C 338 -12.25 -12.24 3.67
C TYR C 338 -11.11 -13.17 3.32
N SER C 339 -9.82 -12.93 3.57
CA SER C 339 -8.81 -13.93 3.30
C SER C 339 -8.02 -14.31 4.52
N ILE C 340 -8.00 -15.54 5.03
CA ILE C 340 -7.17 -15.81 6.17
C ILE C 340 -5.85 -16.32 5.53
N LEU C 341 -4.73 -15.67 5.86
CA LEU C 341 -3.40 -15.96 5.31
C LEU C 341 -2.55 -16.79 6.25
N ALA C 342 -3.06 -16.89 7.47
CA ALA C 342 -2.43 -17.62 8.55
C ALA C 342 -3.41 -17.43 9.68
N PRO C 343 -3.34 -18.25 10.73
CA PRO C 343 -4.31 -18.31 11.81
C PRO C 343 -4.66 -16.99 12.45
N ALA C 344 -3.62 -16.22 12.68
CA ALA C 344 -3.78 -14.91 13.25
C ALA C 344 -3.38 -13.84 12.23
N TYR C 345 -3.86 -13.86 10.99
CA TYR C 345 -3.43 -12.90 10.01
C TYR C 345 -4.47 -13.03 8.94
N GLY C 346 -5.51 -12.24 9.00
CA GLY C 346 -6.49 -12.31 7.94
C GLY C 346 -6.57 -10.91 7.42
N ILE C 347 -6.94 -10.69 6.19
CA ILE C 347 -7.07 -9.36 5.70
C ILE C 347 -8.41 -9.35 5.03
N SER C 348 -8.80 -8.35 4.27
CA SER C 348 -10.21 -8.17 3.99
C SER C 348 -10.40 -7.13 2.92
N VAL C 349 -11.62 -7.03 2.39
CA VAL C 349 -11.97 -6.07 1.39
C VAL C 349 -13.49 -5.94 1.39
N ALA C 350 -14.08 -4.75 1.41
CA ALA C 350 -15.52 -4.61 1.54
C ALA C 350 -15.88 -3.52 0.47
N ALA C 351 -17.15 -3.16 0.19
CA ALA C 351 -17.33 -2.15 -0.92
C ALA C 351 -18.67 -1.34 -0.98
N ILE C 352 -19.79 -1.90 -0.59
CA ILE C 352 -21.11 -1.20 -0.69
C ILE C 352 -21.34 -0.63 -2.11
N TYR C 353 -22.47 -1.03 -2.68
CA TYR C 353 -22.87 -0.63 -4.04
C TYR C 353 -24.29 -0.06 -4.04
N ARG C 354 -24.54 0.73 -5.06
CA ARG C 354 -25.85 1.36 -5.26
C ARG C 354 -26.15 1.45 -6.76
N PRO C 355 -27.42 1.37 -7.15
CA PRO C 355 -27.78 1.50 -8.55
C PRO C 355 -27.30 2.85 -8.97
N ASN C 356 -26.16 2.85 -9.61
CA ASN C 356 -25.50 4.10 -9.98
C ASN C 356 -26.27 4.91 -11.05
N ALA C 357 -26.99 5.86 -10.46
CA ALA C 357 -27.70 6.99 -11.12
C ALA C 357 -28.88 6.65 -12.05
N ASP C 358 -28.84 5.54 -12.74
CA ASP C 358 -29.95 5.14 -13.67
C ASP C 358 -29.87 3.65 -13.97
N GLY C 359 -31.01 3.10 -14.32
CA GLY C 359 -31.13 1.68 -14.66
C GLY C 359 -30.14 1.33 -15.76
N SER C 360 -28.90 1.24 -15.36
CA SER C 360 -27.79 0.91 -16.26
C SER C 360 -26.76 0.06 -15.52
N ALA C 361 -26.02 0.72 -14.67
CA ALA C 361 -24.95 0.06 -13.94
C ALA C 361 -25.15 0.15 -12.43
N ILE C 362 -24.21 -0.52 -11.81
CA ILE C 362 -24.02 -0.60 -10.38
C ILE C 362 -22.64 -0.06 -10.09
N GLU C 363 -22.52 0.79 -9.12
CA GLU C 363 -21.22 1.32 -8.75
C GLU C 363 -21.17 1.59 -7.27
N SER C 364 -19.98 1.43 -6.77
CA SER C 364 -19.67 1.60 -5.37
C SER C 364 -19.97 3.02 -4.92
N VAL C 365 -20.41 3.10 -3.69
CA VAL C 365 -20.63 4.39 -3.06
C VAL C 365 -19.25 5.04 -2.99
N PRO C 366 -19.08 6.24 -3.55
CA PRO C 366 -17.80 6.90 -3.69
C PRO C 366 -17.30 7.11 -2.28
N ASP C 367 -16.04 6.76 -2.09
CA ASP C 367 -15.38 6.91 -0.82
C ASP C 367 -16.03 6.08 0.31
N SER C 368 -15.98 4.74 0.24
CA SER C 368 -16.48 3.82 1.28
C SER C 368 -15.72 2.51 1.09
N GLY C 369 -15.92 1.47 1.89
CA GLY C 369 -15.25 0.19 1.68
C GLY C 369 -13.73 0.26 1.56
N GLY C 370 -13.06 -0.83 1.21
CA GLY C 370 -11.61 -0.82 1.17
C GLY C 370 -11.05 -2.08 1.77
N VAL C 371 -9.71 -2.22 1.65
CA VAL C 371 -9.03 -3.43 2.01
C VAL C 371 -8.06 -3.09 3.12
N THR C 372 -7.95 -4.01 4.09
CA THR C 372 -7.11 -3.91 5.25
C THR C 372 -5.87 -3.15 4.89
N PRO C 373 -5.67 -1.95 5.43
CA PRO C 373 -4.51 -1.16 5.13
C PRO C 373 -3.26 -2.00 5.34
N VAL C 374 -2.24 -1.76 4.53
CA VAL C 374 -0.99 -2.53 4.54
C VAL C 374 -0.19 -2.38 5.83
N ASP C 375 -0.52 -1.38 6.62
CA ASP C 375 0.14 -1.14 7.88
C ASP C 375 -0.82 -1.45 9.02
N ALA C 376 -1.83 -2.28 8.78
CA ALA C 376 -2.80 -2.61 9.81
C ALA C 376 -2.04 -3.16 11.02
N PRO C 377 -2.28 -2.67 12.24
CA PRO C 377 -1.57 -3.14 13.45
C PRO C 377 -1.90 -4.60 13.73
N ASP C 378 -1.06 -5.37 14.43
CA ASP C 378 -1.38 -6.78 14.67
C ASP C 378 -2.77 -7.07 15.20
N TRP C 379 -3.39 -6.28 16.09
CA TRP C 379 -4.72 -6.59 16.57
C TRP C 379 -5.68 -6.55 15.43
N VAL C 380 -5.49 -5.76 14.38
CA VAL C 380 -6.48 -5.78 13.31
C VAL C 380 -6.34 -7.10 12.58
N LEU C 381 -5.11 -7.47 12.24
CA LEU C 381 -4.85 -8.68 11.49
C LEU C 381 -5.29 -9.94 12.20
N GLU C 382 -4.98 -10.04 13.47
CA GLU C 382 -5.48 -11.12 14.27
C GLU C 382 -7.01 -11.23 14.34
N ARG C 383 -7.74 -10.15 14.61
CA ARG C 383 -9.19 -10.20 14.78
C ARG C 383 -9.88 -10.41 13.46
N GLU C 384 -9.30 -9.98 12.36
CA GLU C 384 -9.98 -10.21 11.11
C GLU C 384 -10.19 -11.70 10.78
N VAL C 385 -9.46 -12.60 11.43
CA VAL C 385 -9.66 -14.04 11.28
C VAL C 385 -10.96 -14.48 11.98
N GLN C 386 -11.03 -14.20 13.26
CA GLN C 386 -12.20 -14.56 14.09
C GLN C 386 -13.48 -14.03 13.46
N TYR C 387 -13.35 -12.93 12.77
CA TYR C 387 -14.49 -12.31 12.12
C TYR C 387 -14.82 -13.06 10.83
N ALA C 388 -13.77 -13.56 10.17
CA ALA C 388 -13.94 -14.34 8.92
C ALA C 388 -14.75 -15.60 9.21
N TYR C 389 -14.42 -16.24 10.32
CA TYR C 389 -15.16 -17.43 10.77
C TYR C 389 -16.60 -17.02 11.10
N SER C 390 -16.70 -15.90 11.81
CA SER C 390 -18.00 -15.33 12.24
C SER C 390 -18.86 -15.04 11.02
N TRP C 391 -18.21 -14.63 9.97
CA TRP C 391 -18.90 -14.36 8.72
C TRP C 391 -19.34 -15.68 8.10
N TYR C 392 -18.45 -16.67 8.18
CA TYR C 392 -18.73 -17.99 7.60
C TYR C 392 -20.02 -18.59 8.16
N ASN C 393 -20.04 -18.74 9.47
CA ASN C 393 -21.19 -19.35 10.17
C ASN C 393 -22.49 -18.56 9.97
N ASN C 394 -22.37 -17.27 9.73
CA ASN C 394 -23.56 -16.40 9.61
C ASN C 394 -24.12 -16.36 8.19
N ILE C 395 -23.29 -16.14 7.18
CA ILE C 395 -23.81 -16.13 5.82
C ILE C 395 -24.28 -17.52 5.47
N VAL C 396 -23.61 -18.49 6.06
CA VAL C 396 -23.99 -19.88 5.87
C VAL C 396 -25.40 -20.03 6.50
N HIS C 397 -25.55 -19.81 7.80
CA HIS C 397 -26.89 -19.91 8.45
C HIS C 397 -27.91 -19.02 7.72
N ASP C 398 -27.45 -17.89 7.22
CA ASP C 398 -28.35 -17.00 6.52
C ASP C 398 -28.97 -17.71 5.33
N THR C 399 -28.13 -18.39 4.55
CA THR C 399 -28.61 -18.98 3.30
C THR C 399 -29.19 -20.42 3.36
N PHE C 400 -28.88 -21.52 4.02
CA PHE C 400 -29.75 -22.85 3.77
C PHE C 400 -30.40 -23.18 5.10
N GLY C 401 -30.24 -22.31 6.08
CA GLY C 401 -30.79 -22.60 7.38
C GLY C 401 -32.05 -21.94 7.89
N GLU D 1 -36.73 5.25 -2.45
CA GLU D 1 -35.35 5.42 -2.03
C GLU D 1 -35.15 4.13 -1.21
N PRO D 2 -33.99 3.47 -1.11
CA PRO D 2 -33.84 2.11 -0.56
C PRO D 2 -34.55 1.95 0.74
N THR D 3 -35.46 1.00 0.88
CA THR D 3 -36.17 0.90 2.15
C THR D 3 -35.19 0.43 3.23
N ALA D 4 -35.75 0.37 4.43
CA ALA D 4 -35.02 -0.12 5.58
C ALA D 4 -34.52 -1.54 5.37
N GLU D 5 -35.51 -2.40 5.14
CA GLU D 5 -35.31 -3.83 4.99
C GLU D 5 -34.28 -4.13 3.92
N MET D 6 -34.33 -3.36 2.82
CA MET D 6 -33.35 -3.52 1.80
C MET D 6 -32.02 -3.28 2.49
N LEU D 7 -31.76 -2.08 3.02
CA LEU D 7 -30.48 -1.78 3.64
C LEU D 7 -30.00 -2.84 4.63
N THR D 8 -30.82 -3.24 5.61
CA THR D 8 -30.39 -4.17 6.60
C THR D 8 -30.14 -5.59 6.10
N ASN D 9 -30.56 -5.90 4.86
CA ASN D 9 -30.29 -7.19 4.25
C ASN D 9 -28.81 -7.52 4.25
N ASN D 10 -28.08 -6.60 3.65
CA ASN D 10 -26.66 -6.76 3.45
C ASN D 10 -25.82 -6.87 4.72
N CYS D 11 -26.37 -7.02 5.93
CA CYS D 11 -25.60 -6.99 7.16
C CYS D 11 -25.54 -8.34 7.90
N ALA D 12 -26.55 -9.16 7.53
CA ALA D 12 -26.74 -10.55 7.97
C ALA D 12 -25.56 -11.50 7.69
N GLY D 13 -24.85 -11.33 6.55
CA GLY D 13 -23.62 -12.05 6.28
C GLY D 13 -22.65 -11.97 7.47
N CYS D 14 -22.40 -10.81 8.12
CA CYS D 14 -21.50 -10.76 9.28
C CYS D 14 -22.15 -10.85 10.64
N HIS D 15 -23.32 -10.32 10.89
CA HIS D 15 -23.97 -10.59 12.16
C HIS D 15 -25.30 -11.00 11.57
N GLY D 16 -25.71 -12.21 11.95
CA GLY D 16 -26.77 -13.01 11.34
C GLY D 16 -28.07 -12.44 10.77
N THR D 17 -29.06 -13.31 10.47
CA THR D 17 -30.32 -12.83 9.89
C THR D 17 -30.93 -11.97 10.98
N HIS D 18 -31.40 -10.78 10.56
CA HIS D 18 -31.90 -9.72 11.46
C HIS D 18 -31.06 -9.53 12.71
N GLY D 19 -29.78 -9.30 12.43
CA GLY D 19 -28.78 -8.94 13.39
C GLY D 19 -28.55 -9.90 14.54
N ASN D 20 -29.10 -11.11 14.66
CA ASN D 20 -28.65 -11.97 15.76
C ASN D 20 -27.48 -12.79 15.25
N SER D 21 -26.45 -13.09 16.04
CA SER D 21 -25.33 -13.82 15.55
C SER D 21 -25.03 -15.16 16.12
N VAL D 22 -24.72 -15.94 15.10
CA VAL D 22 -24.19 -17.24 15.34
C VAL D 22 -22.74 -16.88 15.62
N GLY D 23 -22.05 -17.66 16.44
CA GLY D 23 -20.69 -17.29 16.81
C GLY D 23 -19.66 -17.18 15.71
N PRO D 24 -18.40 -17.07 16.06
CA PRO D 24 -17.92 -16.88 17.42
C PRO D 24 -17.66 -15.44 17.91
N ALA D 25 -17.56 -14.42 17.03
CA ALA D 25 -17.11 -13.15 17.46
C ALA D 25 -17.89 -11.92 16.95
N SER D 26 -18.34 -11.87 15.70
CA SER D 26 -19.12 -10.68 15.28
C SER D 26 -20.29 -10.49 16.24
N PRO D 27 -20.48 -9.31 16.86
CA PRO D 27 -21.55 -9.08 17.82
C PRO D 27 -22.93 -9.12 17.20
N SER D 28 -23.91 -9.38 18.05
CA SER D 28 -25.32 -9.31 17.66
C SER D 28 -25.79 -7.88 17.87
N ILE D 29 -26.51 -7.37 16.89
CA ILE D 29 -27.06 -6.00 16.94
C ILE D 29 -28.57 -6.03 16.69
N ALA D 30 -29.21 -7.07 17.19
CA ALA D 30 -30.69 -7.30 17.07
C ALA D 30 -31.36 -6.66 18.22
N GLN D 31 -32.52 -5.99 18.14
CA GLN D 31 -33.17 -5.34 19.39
C GLN D 31 -32.16 -4.41 20.10
N MET D 32 -31.80 -3.41 19.35
CA MET D 32 -30.81 -2.42 19.78
C MET D 32 -31.45 -1.04 19.88
N ASP D 33 -30.98 -0.35 20.89
CA ASP D 33 -31.37 1.03 21.20
C ASP D 33 -31.07 1.90 19.99
N PRO D 34 -32.06 2.48 19.32
CA PRO D 34 -31.79 3.27 18.13
C PRO D 34 -30.80 4.36 18.46
N MET D 35 -30.85 4.81 19.69
CA MET D 35 -29.98 5.88 20.18
C MET D 35 -28.54 5.47 20.09
N VAL D 36 -28.23 4.35 20.74
CA VAL D 36 -26.87 3.85 20.74
C VAL D 36 -26.34 3.45 19.36
N PHE D 37 -27.19 2.78 18.58
CA PHE D 37 -26.84 2.35 17.24
C PHE D 37 -26.37 3.52 16.40
N VAL D 38 -27.11 4.61 16.25
CA VAL D 38 -26.65 5.66 15.35
C VAL D 38 -25.41 6.35 15.88
N GLU D 39 -25.28 6.47 17.22
CA GLU D 39 -24.06 6.96 17.85
C GLU D 39 -22.86 6.15 17.34
N VAL D 40 -22.94 4.82 17.52
CA VAL D 40 -21.93 3.82 17.13
C VAL D 40 -21.65 3.78 15.64
N MET D 41 -22.64 3.69 14.78
CA MET D 41 -22.39 3.74 13.36
C MET D 41 -21.70 5.04 12.96
N GLU D 42 -22.13 6.11 13.60
CA GLU D 42 -21.56 7.44 13.35
C GLU D 42 -20.10 7.48 13.80
N GLY D 43 -19.80 6.88 14.93
CA GLY D 43 -18.42 6.85 15.41
C GLY D 43 -17.54 6.04 14.49
N PHE D 44 -18.06 4.91 13.94
CA PHE D 44 -17.26 4.04 13.07
C PHE D 44 -16.93 4.80 11.82
N LYS D 45 -17.96 5.52 11.36
CA LYS D 45 -17.88 6.29 10.13
C LYS D 45 -16.81 7.38 10.10
N SER D 46 -16.50 7.95 11.25
CA SER D 46 -15.59 9.06 11.34
C SER D 46 -14.19 8.66 11.74
N GLY D 47 -14.07 7.53 12.42
CA GLY D 47 -12.77 7.06 12.83
C GLY D 47 -12.58 7.14 14.33
N GLU D 48 -13.53 7.79 15.00
CA GLU D 48 -13.49 7.97 16.44
C GLU D 48 -13.42 6.62 17.13
N ILE D 49 -14.04 5.56 16.59
CA ILE D 49 -13.97 4.27 17.25
C ILE D 49 -13.32 3.25 16.35
N ALA D 50 -12.25 2.65 16.85
CA ALA D 50 -11.54 1.64 16.07
C ALA D 50 -12.43 0.43 15.81
N SER D 51 -12.27 0.08 14.56
CA SER D 51 -12.96 -1.02 13.97
C SER D 51 -12.03 -1.63 12.92
N THR D 52 -12.11 -2.94 12.61
CA THR D 52 -11.30 -3.62 11.61
C THR D 52 -11.99 -3.36 10.29
N ILE D 53 -13.31 -3.40 10.21
CA ILE D 53 -13.98 -3.24 8.93
C ILE D 53 -15.15 -2.29 9.01
N MET D 54 -15.79 -2.11 10.19
CA MET D 54 -16.99 -1.26 10.20
C MET D 54 -16.65 0.18 9.82
N GLY D 55 -15.40 0.63 9.90
CA GLY D 55 -15.04 1.93 9.38
C GLY D 55 -15.44 2.05 7.91
N ARG D 56 -15.16 0.97 7.16
CA ARG D 56 -15.37 0.86 5.72
C ARG D 56 -16.83 0.57 5.39
N ILE D 57 -17.52 -0.24 6.21
CA ILE D 57 -18.92 -0.48 5.96
C ILE D 57 -19.70 0.79 6.34
N ALA D 58 -19.30 1.50 7.41
CA ALA D 58 -20.08 2.63 7.92
C ALA D 58 -19.90 3.82 7.06
N LYS D 59 -18.65 4.09 6.62
CA LYS D 59 -18.33 5.20 5.72
C LYS D 59 -19.07 5.20 4.42
N GLY D 60 -20.17 4.52 4.21
CA GLY D 60 -20.78 4.52 2.89
C GLY D 60 -22.24 4.80 2.98
N TYR D 61 -22.73 5.05 4.18
CA TYR D 61 -24.14 5.36 4.32
C TYR D 61 -24.37 6.83 4.73
N SER D 62 -25.51 7.16 5.33
CA SER D 62 -25.83 8.51 5.71
C SER D 62 -26.59 8.36 7.00
N THR D 63 -26.59 9.36 7.89
CA THR D 63 -27.32 9.28 9.15
C THR D 63 -28.80 9.03 8.96
N ALA D 64 -29.25 9.38 7.75
CA ALA D 64 -30.62 9.10 7.33
C ALA D 64 -30.79 7.58 7.31
N ASP D 65 -29.85 6.94 6.58
CA ASP D 65 -29.84 5.50 6.41
C ASP D 65 -29.64 4.93 7.82
N PHE D 66 -28.68 5.39 8.65
CA PHE D 66 -28.50 4.83 9.99
C PHE D 66 -29.78 4.85 10.82
N GLU D 67 -30.61 5.88 10.72
CA GLU D 67 -31.75 5.95 11.60
C GLU D 67 -32.75 4.91 11.15
N LYS D 68 -32.86 4.86 9.81
CA LYS D 68 -33.81 4.02 9.07
C LYS D 68 -33.66 2.61 9.53
N MET D 69 -32.36 2.24 9.51
CA MET D 69 -31.91 0.96 9.97
C MET D 69 -32.16 0.72 11.43
N ALA D 70 -31.70 1.57 12.34
CA ALA D 70 -31.83 1.36 13.79
C ALA D 70 -33.25 1.07 14.25
N GLY D 71 -34.20 1.60 13.45
CA GLY D 71 -35.61 1.34 13.64
C GLY D 71 -35.85 -0.16 13.62
N TYR D 72 -35.47 -0.75 12.47
CA TYR D 72 -35.59 -2.19 12.18
C TYR D 72 -34.95 -2.99 13.30
N PHE D 73 -33.67 -2.76 13.55
CA PHE D 73 -33.01 -3.54 14.57
C PHE D 73 -33.70 -3.39 15.91
N LYS D 74 -34.23 -2.23 16.34
CA LYS D 74 -34.97 -2.16 17.61
C LYS D 74 -36.20 -3.10 17.62
N GLN D 75 -36.79 -3.32 16.44
CA GLN D 75 -37.90 -4.26 16.33
C GLN D 75 -37.48 -5.72 16.54
N GLN D 76 -36.25 -6.12 16.15
CA GLN D 76 -35.82 -7.51 16.23
C GLN D 76 -35.62 -7.97 17.63
N THR D 77 -35.85 -9.26 17.87
CA THR D 77 -35.67 -9.78 19.20
C THR D 77 -34.18 -10.19 19.38
N TYR D 78 -33.73 -10.56 20.58
CA TYR D 78 -32.34 -10.80 20.83
C TYR D 78 -32.23 -12.18 21.38
N GLN D 79 -31.49 -13.03 20.73
CA GLN D 79 -31.32 -14.36 21.24
C GLN D 79 -29.94 -14.18 21.82
N PRO D 80 -29.80 -14.23 23.14
CA PRO D 80 -28.51 -14.34 23.78
C PRO D 80 -27.75 -15.52 23.18
N ALA D 81 -26.56 -15.15 22.78
CA ALA D 81 -25.59 -16.05 22.25
C ALA D 81 -25.37 -17.22 23.18
N LYS D 82 -25.74 -18.40 22.72
CA LYS D 82 -25.50 -19.59 23.52
C LYS D 82 -24.03 -19.91 23.43
N GLN D 83 -23.32 -19.74 24.55
CA GLN D 83 -21.89 -20.02 24.66
C GLN D 83 -21.60 -20.50 26.08
N SER D 84 -20.40 -20.96 26.39
CA SER D 84 -20.12 -21.52 27.71
C SER D 84 -19.64 -20.51 28.74
N PHE D 85 -19.51 -20.87 30.02
CA PHE D 85 -18.96 -19.97 31.00
C PHE D 85 -18.50 -20.68 32.25
N ASP D 86 -17.44 -20.14 32.85
CA ASP D 86 -16.91 -20.67 34.08
C ASP D 86 -17.83 -20.19 35.18
N THR D 87 -18.57 -21.13 35.70
CA THR D 87 -19.52 -20.91 36.77
C THR D 87 -18.95 -20.27 38.04
N ALA D 88 -17.76 -20.69 38.49
CA ALA D 88 -17.13 -20.07 39.67
C ALA D 88 -16.90 -18.59 39.48
N LEU D 89 -16.59 -18.14 38.26
CA LEU D 89 -16.44 -16.73 38.03
C LEU D 89 -17.79 -16.01 37.81
N ALA D 90 -18.83 -16.66 37.28
CA ALA D 90 -20.13 -16.06 36.97
C ALA D 90 -20.88 -15.39 38.11
N ASP D 91 -20.81 -15.98 39.29
CA ASP D 91 -21.49 -15.43 40.45
C ASP D 91 -20.65 -14.27 40.96
N THR D 92 -19.33 -14.47 41.12
CA THR D 92 -18.39 -13.41 41.46
C THR D 92 -18.38 -12.31 40.40
N GLY D 93 -18.95 -12.58 39.26
CA GLY D 93 -19.10 -11.60 38.22
C GLY D 93 -20.36 -10.82 38.46
N ALA D 94 -21.41 -11.49 38.97
CA ALA D 94 -22.65 -10.81 39.30
C ALA D 94 -22.46 -9.78 40.41
N LYS D 95 -21.63 -10.06 41.42
CA LYS D 95 -21.42 -9.08 42.48
C LYS D 95 -20.57 -7.92 41.98
N LEU D 96 -19.44 -8.27 41.37
CA LEU D 96 -18.51 -7.30 40.80
C LEU D 96 -19.19 -6.38 39.81
N HIS D 97 -20.23 -6.83 39.15
CA HIS D 97 -20.93 -5.97 38.25
C HIS D 97 -21.73 -4.98 39.08
N ASP D 98 -22.35 -5.42 40.20
CA ASP D 98 -23.21 -4.52 40.97
C ASP D 98 -22.44 -3.36 41.56
N LYS D 99 -21.32 -3.68 42.16
CA LYS D 99 -20.52 -2.62 42.74
C LYS D 99 -19.93 -1.64 41.71
N TYR D 100 -19.86 -1.96 40.40
CA TYR D 100 -19.14 -1.10 39.45
C TYR D 100 -19.78 -0.77 38.11
N CYS D 101 -20.79 -1.52 37.72
CA CYS D 101 -21.30 -1.41 36.37
C CYS D 101 -22.80 -1.30 36.43
N GLU D 102 -23.48 -2.04 37.32
CA GLU D 102 -24.91 -1.81 37.51
C GLU D 102 -24.82 -0.43 38.18
N LYS D 103 -25.21 0.49 37.30
CA LYS D 103 -25.08 1.91 37.49
C LYS D 103 -25.69 2.23 36.15
N CYS D 104 -24.90 2.31 35.09
CA CYS D 104 -25.50 2.59 33.79
C CYS D 104 -25.91 1.28 33.12
N HIS D 105 -25.13 0.21 33.35
CA HIS D 105 -25.45 -1.04 32.71
C HIS D 105 -26.49 -1.66 33.61
N VAL D 106 -27.70 -1.25 33.22
CA VAL D 106 -28.93 -1.59 33.89
C VAL D 106 -29.35 -3.03 33.64
N GLU D 107 -29.87 -3.75 34.64
CA GLU D 107 -30.43 -5.08 34.44
C GLU D 107 -29.39 -6.13 34.00
N GLY D 108 -28.14 -6.06 34.46
CA GLY D 108 -27.11 -7.00 34.00
C GLY D 108 -26.80 -6.82 32.51
N GLY D 109 -27.16 -5.70 31.93
CA GLY D 109 -26.84 -5.41 30.54
C GLY D 109 -27.76 -6.13 29.58
N LYS D 110 -29.01 -6.43 29.90
CA LYS D 110 -29.89 -7.04 28.91
C LYS D 110 -30.32 -5.92 27.98
N PRO D 111 -30.84 -6.15 26.79
CA PRO D 111 -31.66 -5.17 26.10
C PRO D 111 -32.86 -4.86 27.00
N LEU D 112 -33.49 -3.68 26.88
CA LEU D 112 -34.56 -3.29 27.80
C LEU D 112 -35.72 -2.66 27.08
N ALA D 113 -36.91 -3.16 27.43
CA ALA D 113 -38.15 -2.60 26.89
C ALA D 113 -38.63 -1.32 27.62
N ASP D 114 -37.83 -0.90 28.61
CA ASP D 114 -37.94 0.38 29.30
C ASP D 114 -36.88 1.01 28.41
N GLU D 115 -37.30 1.61 27.27
CA GLU D 115 -36.40 2.13 26.22
C GLU D 115 -35.49 3.27 26.67
N GLU D 116 -34.56 2.78 27.46
CA GLU D 116 -33.61 3.58 28.16
C GLU D 116 -32.46 3.81 27.21
N ASP D 117 -31.26 3.94 27.76
CA ASP D 117 -30.07 3.95 26.99
C ASP D 117 -29.38 2.75 27.60
N TYR D 118 -29.75 1.59 27.03
CA TYR D 118 -29.18 0.31 27.46
C TYR D 118 -28.02 0.04 26.54
N HIS D 119 -27.10 -0.78 26.98
CA HIS D 119 -25.97 -1.21 26.15
C HIS D 119 -26.00 -2.69 26.44
N ILE D 120 -26.18 -3.47 25.39
CA ILE D 120 -26.32 -4.90 25.58
C ILE D 120 -24.96 -5.47 25.84
N LEU D 121 -24.92 -6.25 26.88
CA LEU D 121 -23.73 -6.84 27.32
C LEU D 121 -24.15 -8.26 27.76
N ALA D 122 -25.43 -8.53 27.94
CA ALA D 122 -25.84 -9.82 28.45
C ALA D 122 -25.83 -10.76 27.29
N GLY D 123 -25.08 -11.83 27.46
CA GLY D 123 -25.06 -12.90 26.48
C GLY D 123 -24.71 -12.40 25.09
N GLN D 124 -23.87 -11.39 24.97
CA GLN D 124 -23.33 -10.92 23.71
C GLN D 124 -22.13 -11.84 23.50
N TRP D 125 -21.53 -11.94 22.32
CA TRP D 125 -20.38 -12.79 22.12
C TRP D 125 -19.13 -12.38 22.86
N THR D 126 -18.70 -13.10 23.89
CA THR D 126 -17.53 -12.80 24.70
C THR D 126 -16.27 -12.40 23.98
N PRO D 127 -15.89 -12.94 22.80
CA PRO D 127 -14.74 -12.45 22.05
C PRO D 127 -14.92 -10.97 21.79
N TYR D 128 -16.09 -10.51 21.37
CA TYR D 128 -16.33 -9.08 21.19
C TYR D 128 -16.11 -8.27 22.48
N LEU D 129 -16.77 -8.63 23.58
CA LEU D 129 -16.69 -7.82 24.75
C LEU D 129 -15.25 -7.77 25.20
N GLN D 130 -14.46 -8.79 24.95
CA GLN D 130 -13.04 -8.70 25.24
C GLN D 130 -12.31 -7.76 24.29
N TYR D 131 -12.74 -7.69 23.05
CA TYR D 131 -12.15 -6.83 22.07
C TYR D 131 -12.47 -5.43 22.54
N ALA D 132 -13.75 -5.02 22.55
CA ALA D 132 -14.23 -3.72 23.01
C ALA D 132 -13.51 -3.29 24.26
N MET D 133 -13.32 -4.13 25.27
CA MET D 133 -12.60 -3.69 26.44
C MET D 133 -11.13 -3.43 26.20
N SER D 134 -10.38 -4.12 25.38
CA SER D 134 -8.99 -3.72 25.20
C SER D 134 -8.95 -2.48 24.32
N ASP D 135 -9.90 -2.34 23.44
CA ASP D 135 -10.09 -1.13 22.67
C ASP D 135 -10.26 0.11 23.56
N PHE D 136 -11.00 -0.06 24.67
CA PHE D 136 -11.22 0.99 25.65
C PHE D 136 -9.94 1.29 26.38
N ARG D 137 -9.42 0.25 27.02
CA ARG D 137 -8.20 0.36 27.76
C ARG D 137 -6.99 0.91 26.99
N GLU D 138 -7.02 0.93 25.66
CA GLU D 138 -5.91 1.41 24.89
C GLU D 138 -6.33 2.67 24.17
N GLU D 139 -7.41 3.32 24.63
CA GLU D 139 -7.93 4.55 24.07
C GLU D 139 -8.31 4.50 22.59
N ARG D 140 -8.38 3.30 22.02
CA ARG D 140 -8.81 3.11 20.65
C ARG D 140 -10.27 3.45 20.53
N ARG D 141 -10.88 3.55 21.68
CA ARG D 141 -12.29 3.83 21.76
C ARG D 141 -12.60 4.95 22.75
N PRO D 142 -13.48 5.88 22.37
CA PRO D 142 -13.93 6.93 23.26
C PRO D 142 -14.73 6.34 24.37
N MET D 143 -14.27 6.56 25.56
CA MET D 143 -14.94 6.08 26.75
C MET D 143 -15.56 7.26 27.46
N GLU D 144 -16.85 7.23 27.63
CA GLU D 144 -17.51 8.35 28.29
C GLU D 144 -16.72 8.49 29.64
N LYS D 145 -16.56 9.65 30.13
CA LYS D 145 -15.65 9.92 31.28
C LYS D 145 -15.91 9.15 32.61
N LYS D 146 -17.16 8.79 32.92
CA LYS D 146 -17.47 8.18 34.25
C LYS D 146 -17.57 6.65 34.20
N MET D 147 -17.41 6.08 33.02
CA MET D 147 -17.31 4.62 32.91
C MET D 147 -15.86 4.26 33.11
N ALA D 148 -15.05 5.21 32.65
CA ALA D 148 -13.60 5.11 32.70
C ALA D 148 -13.11 4.99 34.16
N SER D 149 -13.66 5.81 35.05
CA SER D 149 -13.24 5.79 36.46
C SER D 149 -13.61 4.45 37.11
N LYS D 150 -14.88 4.10 37.01
CA LYS D 150 -15.35 2.83 37.57
C LYS D 150 -14.49 1.71 37.00
N LEU D 151 -14.15 1.73 35.70
CA LEU D 151 -13.29 0.70 35.14
C LEU D 151 -11.89 0.94 35.65
N ARG D 152 -11.20 1.92 35.05
CA ARG D 152 -9.81 2.28 35.28
C ARG D 152 -9.38 2.15 36.72
N GLU D 153 -10.04 2.89 37.56
CA GLU D 153 -9.58 2.86 38.91
C GLU D 153 -10.21 1.64 39.55
N LEU D 154 -11.49 1.81 39.85
CA LEU D 154 -12.11 0.89 40.74
C LEU D 154 -12.12 -0.56 40.28
N LEU D 155 -12.56 -0.92 39.09
CA LEU D 155 -12.66 -2.31 38.75
C LEU D 155 -11.32 -2.89 38.43
N LYS D 156 -10.32 -2.16 37.99
CA LYS D 156 -9.04 -2.81 37.76
C LYS D 156 -8.23 -2.93 39.03
N ALA D 157 -8.74 -2.52 40.20
CA ALA D 157 -8.09 -2.81 41.48
C ALA D 157 -8.23 -4.29 41.82
N GLU D 158 -9.14 -4.98 41.08
CA GLU D 158 -9.38 -6.43 41.04
C GLU D 158 -8.52 -7.11 39.98
N GLY D 159 -7.68 -6.39 39.26
CA GLY D 159 -6.84 -6.93 38.21
C GLY D 159 -7.65 -7.46 37.04
N ASP D 160 -6.95 -8.12 36.10
CA ASP D 160 -7.60 -8.67 34.91
C ASP D 160 -8.57 -9.79 35.21
N ALA D 161 -8.34 -10.34 36.39
CA ALA D 161 -9.21 -11.34 36.99
C ALA D 161 -10.63 -10.81 37.09
N GLY D 162 -10.69 -9.53 37.47
CA GLY D 162 -11.92 -8.79 37.63
C GLY D 162 -12.78 -8.90 36.40
N LEU D 163 -12.13 -8.56 35.28
CA LEU D 163 -12.76 -8.61 33.97
C LEU D 163 -13.27 -10.01 33.67
N ASP D 164 -12.45 -11.05 33.83
CA ASP D 164 -12.85 -12.42 33.54
C ASP D 164 -14.17 -12.73 34.21
N ALA D 165 -14.26 -12.40 35.52
CA ALA D 165 -15.48 -12.58 36.29
C ALA D 165 -16.66 -11.90 35.60
N LEU D 166 -16.41 -10.68 35.09
CA LEU D 166 -17.44 -9.92 34.39
C LEU D 166 -17.83 -10.64 33.16
N PHE D 167 -16.89 -11.16 32.35
CA PHE D 167 -17.26 -11.89 31.11
C PHE D 167 -18.00 -13.19 31.37
N ALA D 168 -17.60 -13.96 32.39
CA ALA D 168 -18.32 -15.15 32.79
C ALA D 168 -19.75 -14.78 33.19
N PHE D 169 -19.94 -13.67 33.95
CA PHE D 169 -21.26 -13.21 34.31
C PHE D 169 -22.03 -12.78 33.09
N TYR D 170 -21.55 -11.97 32.16
CA TYR D 170 -22.36 -11.62 30.99
C TYR D 170 -22.74 -12.85 30.10
N ALA D 171 -21.79 -13.82 30.01
CA ALA D 171 -21.89 -15.13 29.34
C ALA D 171 -23.11 -15.87 29.83
N SER D 172 -23.25 -16.04 31.16
CA SER D 172 -24.39 -16.60 31.89
C SER D 172 -25.78 -16.15 31.48
N GLN D 173 -25.99 -14.96 30.95
CA GLN D 173 -27.34 -14.51 30.69
C GLN D 173 -27.86 -14.98 29.35
N GLN D 174 -28.31 -16.25 29.40
CA GLN D 174 -28.83 -16.94 28.23
C GLN D 174 -30.33 -17.13 28.33
PA FAD E . 29.86 10.13 -6.29
O1A FAD E . 29.56 9.25 -7.48
O2A FAD E . 28.91 11.23 -6.01
O5B FAD E . 31.37 10.71 -6.54
C5B FAD E . 32.58 10.00 -6.19
C4B FAD E . 33.81 10.64 -6.88
O4B FAD E . 35.09 9.97 -6.65
C3B FAD E . 33.66 10.67 -8.41
O3B FAD E . 33.51 12.00 -8.90
C2B FAD E . 34.93 9.96 -8.86
O2B FAD E . 35.30 10.29 -10.18
C1B FAD E . 35.94 10.27 -7.80
N9A FAD E . 37.11 9.39 -7.84
C8A FAD E . 37.11 8.03 -8.00
N7A FAD E . 38.27 7.45 -7.85
C5A FAD E . 39.12 8.50 -7.59
C6A FAD E . 40.47 8.55 -7.34
N6A FAD E . 41.26 7.51 -7.65
N1A FAD E . 40.97 9.70 -6.89
C2A FAD E . 40.23 10.77 -7.04
N3A FAD E . 38.98 10.89 -7.44
C4A FAD E . 38.43 9.69 -7.56
N1 FAD E . 20.73 10.09 -4.68
C2 FAD E . 19.75 10.74 -4.00
O2 FAD E . 19.90 11.14 -2.87
N3 FAD E . 18.57 10.94 -4.65
C4 FAD E . 18.25 10.44 -5.90
O4 FAD E . 17.14 10.74 -6.37
C4X FAD E . 19.26 9.64 -6.53
N5 FAD E . 18.91 9.16 -7.75
C5X FAD E . 19.92 8.47 -8.36
C6 FAD E . 19.66 8.07 -9.68
C7 FAD E . 20.62 7.59 -10.52
C7M FAD E . 20.30 7.33 -11.98
C8 FAD E . 21.91 7.38 -9.99
C8M FAD E . 23.12 7.24 -10.87
C9 FAD E . 22.09 7.53 -8.65
C9A FAD E . 21.17 8.19 -7.84
N10 FAD E . 21.47 8.74 -6.56
C10 FAD E . 20.47 9.52 -5.88
C1' FAD E . 22.60 8.25 -5.76
C2' FAD E . 23.96 8.71 -6.15
O2' FAD E . 23.95 9.63 -7.18
C3' FAD E . 24.78 9.14 -5.01
O3' FAD E . 24.89 7.99 -4.13
C4' FAD E . 26.16 9.60 -5.41
O4' FAD E . 26.27 10.53 -6.51
C5' FAD E . 26.91 10.12 -4.25
O5' FAD E . 27.79 9.12 -3.84
P FAD E . 29.37 9.44 -3.54
O1P FAD E . 29.41 10.80 -3.01
O2P FAD E . 29.89 8.34 -2.64
O3P FAD E . 30.18 9.37 -4.92
FE HEC F . 11.24 20.79 6.26
CHA HEC F . 8.70 22.89 5.59
CHB HEC F . 11.69 22.34 9.26
CHC HEC F . 13.87 18.77 6.94
CHD HEC F . 11.02 19.50 3.20
NA HEC F . 10.39 22.32 7.20
C1A HEC F . 9.32 23.06 6.79
C2A HEC F . 8.84 23.90 7.86
C3A HEC F . 9.62 23.70 8.93
C4A HEC F . 10.64 22.76 8.49
CMA HEC F . 9.44 24.25 10.34
CAA HEC F . 7.68 24.87 7.74
CBA HEC F . 8.13 26.24 7.33
CGA HEC F . 7.00 27.22 7.07
O1A HEC F . 5.94 27.04 7.65
O2A HEC F . 7.18 28.17 6.30
NB HEC F . 12.50 20.58 7.77
C1B HEC F . 12.58 21.34 8.92
C2B HEC F . 13.68 20.93 9.76
C3B HEC F . 14.30 19.91 9.13
C4B HEC F . 13.52 19.68 7.91
CMB HEC F . 14.07 21.55 11.08
CAB HEC F . 15.61 19.25 9.49
CBB HEC F . 15.54 18.25 10.61
NC HEC F . 12.22 19.38 5.31
C1C HEC F . 13.26 18.62 5.73
C2C HEC F . 13.68 17.67 4.72
C3C HEC F . 12.88 17.90 3.66
C4C HEC F . 11.98 18.96 4.03
CMC HEC F . 14.83 16.68 4.84
CAC HEC F . 12.99 17.37 2.26
CBC HEC F . 12.90 15.87 2.11
ND HEC F . 10.11 21.13 4.74
C1D HEC F . 10.13 20.48 3.54
C2D HEC F . 9.02 20.83 2.74
C3D HEC F . 8.26 21.72 3.43
C4D HEC F . 9.04 21.96 4.64
CMD HEC F . 8.77 20.26 1.38
CAD HEC F . 6.81 22.09 3.22
CBD HEC F . 5.85 21.24 4.09
CGD HEC F . 5.34 19.90 3.51
O1D HEC F . 4.47 19.89 2.66
O2D HEC F . 5.78 18.81 3.94
FE HEC G . -1.80 34.86 8.68
CHA HEC G . 0.01 32.09 9.25
CHB HEC G . -1.10 34.68 5.43
CHC HEC G . -4.10 37.26 8.05
CHD HEC G . -2.48 35.13 11.96
NA HEC G . -0.72 33.64 7.56
C1A HEC G . 0.01 32.55 7.96
C2A HEC G . 0.62 31.88 6.80
C3A HEC G . 0.32 32.62 5.74
C4A HEC G . -0.53 33.70 6.21
CMA HEC G . 0.79 32.36 4.33
CAA HEC G . 1.38 30.56 6.78
CBA HEC G . 2.79 30.77 7.28
CGA HEC G . 3.75 29.60 7.23
O1A HEC G . 4.69 29.65 6.43
O2A HEC G . 3.57 28.67 8.03
NB HEC G . -2.44 35.79 7.09
C1B HEC G . -1.97 35.66 5.83
C2B HEC G . -2.62 36.59 4.93
C3B HEC G . -3.49 37.29 5.68
C4B HEC G . -3.40 36.75 7.00
CMB HEC G . -2.41 36.68 3.44
CAB HEC G . -4.31 38.49 5.28
CBB HEC G . -5.54 38.08 4.50
NC HEC G . -3.03 35.98 9.78
C1C HEC G . -3.89 36.95 9.36
C2C HEC G . -4.42 37.72 10.45
C3C HEC G . -3.90 37.17 11.57
C4C HEC G . -3.08 36.05 11.15
CMC HEC G . -5.29 38.96 10.35
CAC HEC G . -4.01 37.74 12.98
CBC HEC G . -4.62 36.82 14.06
ND HEC G . -1.41 33.79 10.25
C1D HEC G . -1.75 34.05 11.55
C2D HEC G . -1.27 32.98 12.42
C3D HEC G . -0.69 32.06 11.63
C4D HEC G . -0.70 32.61 10.30
CMD HEC G . -1.31 32.96 13.93
CAD HEC G . -0.18 30.69 12.04
CBD HEC G . -1.12 29.52 11.80
CGD HEC G . -2.26 29.40 12.81
O1D HEC G . -2.11 28.66 13.79
O2D HEC G . -3.28 30.06 12.60
PA FAD H . -22.53 -22.06 -6.59
O1A FAD H . -21.49 -23.02 -7.16
O2A FAD H . -22.43 -21.72 -5.13
O5B FAD H . -24.03 -22.62 -6.89
C5B FAD H . -24.41 -23.15 -8.15
C4B FAD H . -25.31 -24.40 -7.88
O4B FAD H . -26.02 -24.75 -9.07
C3B FAD H . -24.50 -25.62 -7.50
O3B FAD H . -24.95 -26.19 -6.29
C2B FAD H . -24.64 -26.54 -8.70
O2B FAD H . -24.68 -27.88 -8.28
C1B FAD H . -25.98 -26.17 -9.24
N9A FAD H . -26.21 -26.54 -10.67
C8A FAD H . -25.49 -26.16 -11.77
N7A FAD H . -26.16 -26.20 -12.91
C5A FAD H . -27.39 -26.72 -12.51
C6A FAD H . -28.45 -27.24 -13.21
N6A FAD H . -28.40 -27.44 -14.52
N1A FAD H . -29.53 -27.57 -12.56
C2A FAD H . -29.47 -27.61 -11.27
N3A FAD H . -28.47 -27.30 -10.47
C4A FAD H . -27.45 -26.82 -11.16
N1 FAD H . -16.79 -15.85 -1.58
C2 FAD H . -16.92 -15.21 -0.40
O2 FAD H . -17.98 -14.67 -0.09
N3 FAD H . -15.86 -15.23 0.45
C4 FAD H . -14.68 -15.95 0.28
O4 FAD H . -13.75 -15.73 1.07
C4X FAD H . -14.71 -16.88 -0.84
N5 FAD H . -13.72 -17.82 -0.86
C5X FAD H . -13.70 -18.53 -2.02
C6 FAD H . -12.64 -19.44 -2.12
C7 FAD H . -12.61 -20.43 -3.06
C7M FAD H . -11.55 -21.48 -2.97
C8 FAD H . -13.61 -20.48 -4.04
C8M FAD H . -13.85 -21.77 -4.86
C9 FAD H . -14.52 -19.47 -4.07
C9A FAD H . -14.64 -18.51 -3.04
N10 FAD H . -15.72 -17.61 -2.91
C10 FAD H . -15.76 -16.74 -1.74
C1' FAD H . -16.70 -17.37 -4.01
C2' FAD H . -17.71 -18.47 -4.24
O2' FAD H . -17.99 -19.05 -2.97
C3' FAD H . -18.94 -17.91 -4.86
O3' FAD H . -18.73 -17.16 -6.03
C4' FAD H . -20.04 -18.89 -5.04
O4' FAD H . -20.66 -19.00 -3.78
C5' FAD H . -21.08 -18.46 -6.10
O5' FAD H . -22.35 -19.01 -5.83
P FAD H . -23.37 -19.41 -7.03
O1P FAD H . -24.63 -19.80 -6.34
O2P FAD H . -23.44 -18.40 -8.19
O3P FAD H . -22.58 -20.77 -7.56
FE HEC I . -21.21 -4.79 11.60
CHA HEC I . -19.92 -4.43 14.66
CHB HEC I . -23.64 -2.52 12.41
CHC HEC I . -22.31 -4.69 8.41
CHD HEC I . -18.67 -6.70 10.65
NA HEC I . -21.67 -3.71 13.22
C1A HEC I . -21.07 -3.72 14.43
C2A HEC I . -21.76 -2.85 15.42
C3A HEC I . -22.78 -2.24 14.73
C4A HEC I . -22.71 -2.81 13.38
CMA HEC I . -23.72 -1.14 15.18
CAA HEC I . -21.38 -2.64 16.87
CBA HEC I . -22.23 -3.38 17.87
CGA HEC I . -21.94 -3.06 19.33
O1A HEC I . -21.47 -1.94 19.61
O2A HEC I . -22.17 -3.91 20.21
NB HEC I . -22.63 -3.81 10.62
C1B HEC I . -23.63 -3.01 11.14
C2B HEC I . -24.64 -2.66 10.17
C3B HEC I . -24.25 -3.19 8.98
C4B HEC I . -22.98 -3.89 9.31
CMB HEC I . -25.97 -2.05 10.50
CAB HEC I . -24.99 -3.27 7.65
CBB HEC I . -24.82 -2.16 6.63
NC HEC I . -20.65 -5.56 9.89
C1C HEC I . -21.25 -5.48 8.68
C2C HEC I . -20.63 -6.32 7.70
C3C HEC I . -19.58 -6.90 8.30
C4C HEC I . -19.58 -6.38 9.67
CMC HEC I . -21.18 -6.53 6.31
CAC HEC I . -18.72 -8.07 7.81
CBC HEC I . -18.17 -7.90 6.39
ND HEC I . -19.68 -5.50 12.51
C1D HEC I . -18.72 -6.29 11.96
C2D HEC I . -17.61 -6.47 12.86
C3D HEC I . -17.93 -5.78 14.00
C4D HEC I . -19.25 -5.23 13.77
CMD HEC I . -16.34 -7.15 12.47
CAD HEC I . -17.04 -5.35 15.16
CBD HEC I . -16.41 -4.00 14.95
CGD HEC I . -15.15 -4.08 14.07
O1D HEC I . -14.10 -4.52 14.56
O2D HEC I . -15.20 -3.67 12.88
FE HEC J . -20.08 0.86 29.96
CHA HEC J . -20.34 1.16 26.57
CHB HEC J . -18.57 -2.09 29.55
CHC HEC J . -19.63 0.56 33.33
CHD HEC J . -21.37 3.91 30.38
NA HEC J . -19.73 -0.30 28.41
C1A HEC J . -19.92 -0.06 27.07
C2A HEC J . -19.34 -1.12 26.25
C3A HEC J . -18.77 -1.98 27.13
C4A HEC J . -19.06 -1.49 28.43
CMA HEC J . -17.87 -3.17 26.84
CAA HEC J . -19.31 -1.22 24.74
CBA HEC J . -19.99 -2.44 24.14
CGA HEC J . -20.47 -2.21 22.73
O1A HEC J . -21.67 -2.23 22.52
O2A HEC J . -19.66 -1.98 21.85
NB HEC J . -19.22 -0.43 31.17
C1B HEC J . -18.64 -1.60 30.82
C2B HEC J . -18.16 -2.32 31.97
C3B HEC J . -18.51 -1.59 33.06
C4B HEC J . -19.14 -0.42 32.53
CMB HEC J . -17.36 -3.62 31.90
CAB HEC J . -18.28 -1.86 34.53
CBB HEC J . -16.81 -1.74 34.96
NC HEC J . -20.49 1.96 31.55
C1C HEC J . -20.27 1.67 32.88
C2C HEC J . -20.75 2.68 33.74
C3C HEC J . -21.29 3.63 32.95
C4C HEC J . -21.09 3.19 31.56
CMC HEC J . -20.62 2.68 35.26
CAC HEC J . -22.05 4.83 33.50
CBC HEC J . -21.70 6.17 32.90
ND HEC J . -20.64 2.28 28.71
C1D HEC J . -21.13 3.51 29.06
C2D HEC J . -21.34 4.33 27.86
C3D HEC J . -20.99 3.58 26.79
C4D HEC J . -20.62 2.28 27.33
CMD HEC J . -21.87 5.76 27.81
CAD HEC J . -20.93 4.01 25.32
CBD HEC J . -19.74 4.83 24.77
CGD HEC J . -19.71 4.91 23.22
O1D HEC J . -18.71 4.50 22.61
O2D HEC J . -20.71 5.36 22.60
#